data_7F1Z
#
_entry.id   7F1Z
#
_cell.length_a   1.00
_cell.length_b   1.00
_cell.length_c   1.00
_cell.angle_alpha   90.00
_cell.angle_beta   90.00
_cell.angle_gamma   90.00
#
_symmetry.space_group_name_H-M   'P 1'
#
loop_
_entity.id
_entity.type
_entity.pdbx_description
1 polymer 'D(1A) dopamine receptor'
2 polymer 'Guanine nucleotide-binding protein G(s) subunit alpha isoforms short,Isoform Gnas-2 of Guanine nucleotide-binding protein G(s) subunit alpha isoforms short'
3 polymer 'Guanine nucleotide-binding protein G(I)/G(S)/G(T) subunit beta-1'
4 polymer 'Guanine nucleotide-binding protein G(I)/G(S)/G(O) subunit gamma-2'
5 non-polymer L-DOPAMINE
6 non-polymer "GUANOSINE-5'-DIPHOSPHATE"
#
loop_
_entity_poly.entity_id
_entity_poly.type
_entity_poly.pdbx_seq_one_letter_code
_entity_poly.pdbx_strand_id
1 'polypeptide(L)'
;MKTIIALSYIFCLVFADYKDDDDASIDMRTLNTSAMDGTGLVVERDFSVRILTACFLSLLILSTLLGNTLVCAAVIRFRH
LRSKVTNFFVISLAVSDLLVAVLVMPWKAVAEIAGFWPFGSFCNIWVAFDIMCSTASILNLCVISVDRYWAISSPFRYER
KMTPKAAFILISVAWTLSVLISFIPVQLSWHKAKPTSPSDGNATSLAETIDNCDSSLSRTYAISSSVISFYIPVAIMIVT
YTRIYRIAQKQIRRIAALERAAVHAKNCQTTTGNGKPVECSQPESSFKMSFKRETKVLKTLSVIMGVFVCCWLPFFILNC
ILPFCGSGETQPFCIDSNTFDVFVWFGWANSSLNPIIYAFNADFRKAFSTLLGCYRLCPATNNAIETVSINNNGAAMFSS
HHEPRGSISKECNLVYLIPHAVGSSEDLKKEEAAGIARPLEKLSPALSVILDYDTDVSLEKIQPITQNGQHPT
;
F
2 'polypeptide(L)'
;NSKTEDQRNEEKAQREANKKIEKQLQKDKQVYRATHRLLLLGADNSGKSTIVKQMRILHGGSGGSGGTSGIFETKFQVDK
VNFHMFDVGGQRDERRKWIQCFNDVTAIIFVVDSSDYNRLQEALNLFKSIWNNRWLRTISVILFLNKQDLLAEKVLAGKS
KIEDYFPEFARYTTPEDATPEPGEDPRVTRAKYFIRDEFLRISTASGDGRHYCYPHFTCAVDTENARRIFNDCRDIIQRM
HLRQYELL
;
A
3 'polypeptide(L)'
;MHHHHHHLEVLFQGPGSSGSELDQLRQEAEQLKNQIRDARKACADATLSQITNNIDPVGRIQMRTRRTLRGHLAKIYAMH
WGTDSRLLVSASQDGKLIIWDSYTTNKVHAIPLRSSWVMTCAYAPSGNYVACGGLDNICSIYNLKTREGNVRVSRELAGH
TGYLSCCRFLDDNQIVTSSGDTTCALWDIETGQQTTTFTGHTGDVMSLSLAPDTRLFVSGACDASAKLWDVREGMCRQTF
TGHESDINAICFFPNGNAFATGSDDATCRLFDLRADQELMTYSHDNIICGITSVSFSKSGRLLLAGYDDFNCNVWDALKA
DRAGVLAGHDNRVSCLGVTDDGMAVATGSWDSFLKIWN
;
B
4 'polypeptide(L)' MASNNTASIAQARKLVEQLKMEANIDRIKVSKAAADLMAYCEAHAKEDPLLTPVPASENPFREKKFFSAIL D
#
# COMPACT_ATOMS: atom_id res chain seq x y z
N PHE A 47 29.29 -33.53 36.92
CA PHE A 47 28.73 -33.12 38.20
C PHE A 47 27.39 -32.42 38.00
N SER A 48 26.70 -32.15 39.11
CA SER A 48 25.41 -31.48 39.04
C SER A 48 25.54 -30.07 38.47
N VAL A 49 26.44 -29.27 39.04
CA VAL A 49 26.65 -27.92 38.53
C VAL A 49 27.18 -27.94 37.11
N ARG A 50 28.06 -28.89 36.78
CA ARG A 50 28.67 -28.87 35.46
C ARG A 50 27.66 -29.15 34.37
N ILE A 51 26.79 -30.13 34.58
CA ILE A 51 25.78 -30.46 33.56
C ILE A 51 24.78 -29.32 33.44
N LEU A 52 24.50 -28.63 34.55
CA LEU A 52 23.59 -27.50 34.49
C LEU A 52 24.20 -26.35 33.69
N THR A 53 25.47 -26.04 33.92
CA THR A 53 26.12 -25.04 33.08
C THR A 53 26.08 -25.45 31.63
N ALA A 54 26.29 -26.74 31.35
CA ALA A 54 26.28 -27.18 29.97
C ALA A 54 24.92 -26.93 29.32
N CYS A 55 23.85 -27.33 29.99
CA CYS A 55 22.54 -27.17 29.35
C CYS A 55 22.16 -25.70 29.24
N PHE A 56 22.44 -24.89 30.27
CA PHE A 56 22.11 -23.47 30.16
C PHE A 56 22.91 -22.78 29.06
N LEU A 57 24.19 -23.10 28.93
CA LEU A 57 25.00 -22.48 27.90
C LEU A 57 24.55 -22.91 26.52
N SER A 58 24.21 -24.19 26.36
CA SER A 58 23.72 -24.67 25.08
C SER A 58 22.39 -24.00 24.73
N LEU A 59 21.53 -23.81 25.72
CA LEU A 59 20.27 -23.12 25.47
C LEU A 59 20.52 -21.68 25.07
N LEU A 60 21.49 -21.01 25.70
CA LEU A 60 21.77 -19.63 25.37
C LEU A 60 22.26 -19.51 23.94
N ILE A 61 23.21 -20.35 23.55
CA ILE A 61 23.71 -20.30 22.18
C ILE A 61 22.58 -20.58 21.21
N LEU A 62 21.75 -21.59 21.49
CA LEU A 62 20.69 -21.92 20.55
C LEU A 62 19.69 -20.78 20.42
N SER A 63 19.42 -20.07 21.52
CA SER A 63 18.50 -18.94 21.45
C SER A 63 19.10 -17.81 20.64
N THR A 64 20.37 -17.48 20.90
CA THR A 64 21.06 -16.47 20.10
C THR A 64 20.99 -16.81 18.62
N LEU A 65 21.40 -18.03 18.27
CA LEU A 65 21.41 -18.44 16.88
C LEU A 65 20.03 -18.37 16.28
N LEU A 66 19.03 -18.88 16.99
CA LEU A 66 17.68 -18.91 16.43
C LEU A 66 17.12 -17.51 16.23
N GLY A 67 17.19 -16.65 17.25
CA GLY A 67 16.66 -15.30 17.10
C GLY A 67 17.34 -14.54 15.97
N ASN A 68 18.65 -14.59 15.91
CA ASN A 68 19.35 -13.80 14.91
C ASN A 68 19.21 -14.38 13.51
N THR A 69 19.20 -15.70 13.38
CA THR A 69 18.98 -16.28 12.06
C THR A 69 17.56 -16.03 11.62
N LEU A 70 16.63 -15.87 12.57
CA LEU A 70 15.26 -15.54 12.22
C LEU A 70 15.19 -14.14 11.66
N VAL A 71 15.89 -13.20 12.29
CA VAL A 71 15.92 -11.84 11.74
C VAL A 71 16.54 -11.84 10.35
N CYS A 72 17.67 -12.52 10.18
CA CYS A 72 18.32 -12.51 8.88
C CYS A 72 17.44 -13.17 7.81
N ALA A 73 16.72 -14.23 8.18
CA ALA A 73 15.83 -14.88 7.23
C ALA A 73 14.63 -14.02 6.89
N ALA A 74 14.01 -13.40 7.89
CA ALA A 74 12.89 -12.52 7.63
C ALA A 74 13.30 -11.37 6.74
N VAL A 75 14.58 -11.00 6.77
CA VAL A 75 15.02 -9.95 5.86
C VAL A 75 15.23 -10.50 4.46
N ILE A 76 15.92 -11.62 4.33
CA ILE A 76 16.26 -12.13 2.99
C ILE A 76 15.01 -12.56 2.23
N ARG A 77 14.04 -13.15 2.91
CA ARG A 77 12.86 -13.66 2.24
C ARG A 77 11.92 -12.55 1.76
N PHE A 78 11.71 -11.52 2.57
CA PHE A 78 10.71 -10.48 2.31
C PHE A 78 11.39 -9.21 1.80
N ARG A 79 11.07 -8.83 0.57
CA ARG A 79 11.68 -7.62 0.04
C ARG A 79 11.04 -6.35 0.60
N HIS A 80 9.86 -6.43 1.18
CA HIS A 80 9.31 -5.22 1.76
C HIS A 80 9.99 -4.89 3.08
N LEU A 81 10.82 -5.80 3.59
CA LEU A 81 11.66 -5.44 4.73
C LEU A 81 13.00 -4.87 4.29
N ARG A 82 13.51 -5.29 3.14
CA ARG A 82 14.77 -4.72 2.68
C ARG A 82 14.57 -3.35 2.08
N SER A 83 13.33 -2.89 1.97
CA SER A 83 13.10 -1.64 1.25
C SER A 83 13.67 -0.45 2.00
N LYS A 84 13.45 -0.37 3.30
CA LYS A 84 13.85 0.80 4.05
C LYS A 84 15.35 0.76 4.30
N VAL A 85 15.83 1.68 5.12
CA VAL A 85 17.25 1.74 5.44
C VAL A 85 17.46 1.31 6.88
N THR A 86 16.58 1.75 7.79
CA THR A 86 16.63 1.27 9.17
C THR A 86 16.67 -0.24 9.20
N ASN A 87 16.03 -0.87 8.24
CA ASN A 87 16.15 -2.31 8.16
C ASN A 87 17.56 -2.70 7.77
N PHE A 88 18.24 -1.91 6.93
CA PHE A 88 19.65 -2.22 6.68
C PHE A 88 20.41 -2.30 7.97
N PHE A 89 20.23 -1.31 8.82
CA PHE A 89 20.98 -1.33 10.07
C PHE A 89 20.58 -2.49 10.97
N VAL A 90 19.30 -2.84 11.00
CA VAL A 90 18.88 -3.96 11.83
C VAL A 90 19.48 -5.26 11.31
N ILE A 91 19.60 -5.41 9.99
CA ILE A 91 20.24 -6.61 9.48
C ILE A 91 21.69 -6.64 9.89
N SER A 92 22.38 -5.51 9.82
CA SER A 92 23.76 -5.48 10.29
C SER A 92 23.86 -5.91 11.73
N LEU A 93 22.98 -5.42 12.59
CA LEU A 93 23.02 -5.83 13.99
C LEU A 93 22.79 -7.32 14.13
N ALA A 94 21.79 -7.86 13.44
CA ALA A 94 21.51 -9.27 13.56
C ALA A 94 22.69 -10.09 13.10
N VAL A 95 23.36 -9.66 12.03
CA VAL A 95 24.50 -10.41 11.54
C VAL A 95 25.65 -10.36 12.52
N SER A 96 25.90 -9.21 13.13
CA SER A 96 26.94 -9.15 14.14
C SER A 96 26.68 -10.10 15.29
N ASP A 97 25.44 -10.19 15.75
CA ASP A 97 25.17 -11.04 16.89
C ASP A 97 25.22 -12.51 16.49
N LEU A 98 24.80 -12.81 15.27
CA LEU A 98 24.92 -14.17 14.78
C LEU A 98 26.39 -14.56 14.69
N LEU A 99 27.25 -13.64 14.29
CA LEU A 99 28.68 -13.93 14.33
C LEU A 99 29.13 -14.16 15.76
N VAL A 100 28.74 -13.30 16.68
CA VAL A 100 29.04 -13.55 18.09
C VAL A 100 28.73 -14.99 18.43
N ALA A 101 27.50 -15.41 18.18
CA ALA A 101 27.14 -16.78 18.53
C ALA A 101 28.08 -17.77 17.87
N VAL A 102 28.02 -17.88 16.56
CA VAL A 102 28.63 -19.05 15.90
C VAL A 102 30.14 -19.04 16.06
N LEU A 103 30.76 -17.87 16.04
CA LEU A 103 32.21 -17.82 16.13
C LEU A 103 32.69 -17.82 17.57
N VAL A 104 32.19 -16.91 18.39
CA VAL A 104 32.84 -16.66 19.68
C VAL A 104 32.26 -17.51 20.79
N MET A 105 30.93 -17.65 20.89
CA MET A 105 30.39 -18.17 22.15
C MET A 105 30.73 -19.64 22.41
N PRO A 106 30.50 -20.55 21.47
CA PRO A 106 30.60 -21.98 21.79
C PRO A 106 31.97 -22.41 22.26
N TRP A 107 33.06 -21.87 21.71
CA TRP A 107 34.36 -22.31 22.18
C TRP A 107 34.56 -21.93 23.63
N LYS A 108 34.13 -20.75 24.03
CA LYS A 108 34.27 -20.41 25.43
C LYS A 108 33.40 -21.32 26.26
N ALA A 109 32.25 -21.69 25.74
CA ALA A 109 31.39 -22.62 26.48
C ALA A 109 32.05 -23.98 26.65
N VAL A 110 32.69 -24.48 25.60
CA VAL A 110 33.39 -25.76 25.71
C VAL A 110 34.52 -25.67 26.72
N ALA A 111 35.31 -24.59 26.65
CA ALA A 111 36.38 -24.41 27.61
C ALA A 111 35.83 -24.28 29.01
N GLU A 112 34.60 -23.80 29.12
CA GLU A 112 33.97 -23.66 30.43
C GLU A 112 33.54 -25.01 30.95
N ILE A 113 33.07 -25.89 30.06
CA ILE A 113 32.66 -27.21 30.50
C ILE A 113 33.86 -28.08 30.82
N ALA A 114 34.74 -28.30 29.84
CA ALA A 114 35.90 -29.18 29.97
C ALA A 114 36.92 -28.67 30.96
N GLY A 115 37.00 -27.36 31.15
CA GLY A 115 37.94 -26.78 32.08
C GLY A 115 39.29 -26.43 31.48
N PHE A 116 39.70 -27.08 30.41
CA PHE A 116 40.96 -26.77 29.73
C PHE A 116 40.70 -26.34 28.29
N TRP A 117 41.48 -25.39 27.81
CA TRP A 117 41.34 -24.89 26.44
C TRP A 117 41.96 -25.88 25.47
N PRO A 118 41.17 -26.61 24.68
CA PRO A 118 41.76 -27.67 23.86
C PRO A 118 42.23 -27.23 22.49
N PHE A 119 41.61 -26.20 21.91
CA PHE A 119 41.93 -25.79 20.54
C PHE A 119 43.31 -25.17 20.42
N GLY A 120 43.89 -24.73 21.54
CA GLY A 120 45.27 -24.27 21.58
C GLY A 120 45.57 -23.05 20.73
N SER A 121 46.46 -23.16 19.73
CA SER A 121 46.91 -21.99 18.98
C SER A 121 45.77 -21.22 18.33
N PHE A 122 44.59 -21.83 18.27
CA PHE A 122 43.44 -21.13 17.73
C PHE A 122 43.17 -19.91 18.54
N CYS A 123 43.36 -19.98 19.84
CA CYS A 123 42.66 -19.08 20.70
C CYS A 123 43.28 -17.72 20.54
N ASN A 124 44.55 -17.67 20.09
CA ASN A 124 45.06 -16.36 19.69
C ASN A 124 44.04 -15.65 18.80
N ILE A 125 43.73 -16.25 17.65
CA ILE A 125 42.62 -15.84 16.82
C ILE A 125 41.32 -15.62 17.60
N TRP A 126 40.90 -16.56 18.45
CA TRP A 126 39.62 -16.41 19.15
C TRP A 126 39.49 -15.09 19.85
N VAL A 127 40.47 -14.71 20.67
CA VAL A 127 40.25 -13.48 21.39
C VAL A 127 40.10 -12.33 20.40
N ALA A 128 40.89 -12.35 19.32
CA ALA A 128 40.66 -11.36 18.29
C ALA A 128 39.24 -11.45 17.77
N PHE A 129 38.81 -12.62 17.32
CA PHE A 129 37.42 -12.81 16.92
C PHE A 129 36.46 -12.28 17.95
N ASP A 130 36.68 -12.61 19.20
CA ASP A 130 35.79 -12.12 20.22
C ASP A 130 35.66 -10.62 20.12
N ILE A 131 36.78 -9.91 20.22
CA ILE A 131 36.69 -8.47 20.23
C ILE A 131 35.94 -7.94 19.02
N MET A 132 36.07 -8.62 17.91
CA MET A 132 35.39 -8.10 16.73
C MET A 132 33.92 -8.31 16.88
N CYS A 133 33.49 -9.51 17.14
CA CYS A 133 32.06 -9.71 17.07
C CYS A 133 31.41 -8.92 18.19
N SER A 134 31.95 -9.00 19.39
CA SER A 134 31.40 -8.22 20.48
C SER A 134 31.55 -6.72 20.32
N THR A 135 32.19 -6.22 19.30
CA THR A 135 32.20 -4.80 19.03
C THR A 135 31.37 -4.45 17.83
N ALA A 136 31.13 -5.36 16.94
CA ALA A 136 30.17 -5.05 15.91
C ALA A 136 28.76 -5.01 16.44
N SER A 137 28.53 -5.59 17.62
CA SER A 137 27.21 -5.56 18.24
C SER A 137 26.97 -4.23 18.91
N ILE A 138 27.77 -3.87 19.90
CA ILE A 138 27.53 -2.62 20.60
C ILE A 138 27.52 -1.47 19.61
N LEU A 139 28.59 -1.31 18.82
CA LEU A 139 28.60 -0.32 17.73
C LEU A 139 27.29 -0.29 16.97
N ASN A 140 26.82 -1.44 16.47
CA ASN A 140 25.60 -1.43 15.68
C ASN A 140 24.45 -0.82 16.43
N LEU A 141 24.26 -1.18 17.69
CA LEU A 141 23.23 -0.51 18.45
C LEU A 141 23.38 0.99 18.31
N CYS A 142 24.58 1.52 18.57
CA CYS A 142 24.81 2.95 18.38
C CYS A 142 24.26 3.45 17.06
N VAL A 143 24.66 2.85 15.94
CA VAL A 143 24.13 3.32 14.66
C VAL A 143 22.62 3.31 14.68
N ILE A 144 22.02 2.17 15.01
CA ILE A 144 20.56 2.11 15.02
C ILE A 144 20.00 3.19 15.91
N SER A 145 20.55 3.38 17.11
CA SER A 145 20.03 4.45 17.93
C SER A 145 20.12 5.79 17.22
N VAL A 146 21.32 6.21 16.79
CA VAL A 146 21.38 7.48 16.06
C VAL A 146 20.42 7.44 14.91
N ASP A 147 20.36 6.32 14.20
CA ASP A 147 19.42 6.23 13.11
C ASP A 147 18.02 6.63 13.56
N ARG A 148 17.47 5.97 14.56
CA ARG A 148 16.13 6.34 14.96
C ARG A 148 16.05 7.82 15.27
N TYR A 149 17.04 8.36 15.97
CA TYR A 149 17.01 9.76 16.33
C TYR A 149 16.97 10.65 15.10
N TRP A 150 17.83 10.37 14.14
CA TRP A 150 17.92 11.17 12.93
C TRP A 150 16.61 11.11 12.16
N ALA A 151 15.88 10.00 12.30
CA ALA A 151 14.60 9.84 11.64
C ALA A 151 13.43 10.35 12.47
N ILE A 152 13.70 10.98 13.61
CA ILE A 152 12.64 11.55 14.44
C ILE A 152 12.89 13.00 14.72
N SER A 153 14.13 13.45 14.70
CA SER A 153 14.44 14.84 14.93
C SER A 153 14.44 15.67 13.67
N SER A 154 14.50 15.04 12.52
CA SER A 154 14.54 15.75 11.25
C SER A 154 13.97 14.79 10.22
N PRO A 155 12.66 14.62 10.21
CA PRO A 155 12.07 13.60 9.33
C PRO A 155 12.25 13.95 7.87
N PHE A 156 12.11 15.21 7.51
CA PHE A 156 12.30 15.59 6.12
C PHE A 156 13.75 15.40 5.67
N ARG A 157 14.69 16.01 6.39
CA ARG A 157 16.09 15.83 6.06
C ARG A 157 16.45 14.36 6.01
N TYR A 158 15.92 13.57 6.93
CA TYR A 158 16.22 12.15 6.91
C TYR A 158 15.74 11.53 5.63
N GLU A 159 14.47 11.69 5.29
CA GLU A 159 13.98 10.98 4.12
C GLU A 159 14.72 11.43 2.87
N ARG A 160 15.33 12.61 2.91
CA ARG A 160 16.07 13.09 1.74
C ARG A 160 17.52 12.59 1.72
N LYS A 161 18.29 12.80 2.79
CA LYS A 161 19.73 12.57 2.80
C LYS A 161 20.11 11.13 3.07
N MET A 162 19.40 10.41 3.94
CA MET A 162 19.83 9.06 4.24
C MET A 162 19.41 8.18 3.07
N THR A 163 20.28 8.14 2.08
CA THR A 163 20.12 7.26 0.95
C THR A 163 20.95 6.00 1.18
N PRO A 164 20.53 4.87 0.62
CA PRO A 164 21.25 3.62 0.88
C PRO A 164 22.76 3.74 0.78
N LYS A 165 23.29 4.72 0.05
CA LYS A 165 24.73 4.93 0.08
C LYS A 165 25.20 5.34 1.47
N ALA A 166 24.49 6.24 2.13
CA ALA A 166 24.89 6.60 3.49
C ALA A 166 24.65 5.46 4.45
N ALA A 167 23.62 4.65 4.21
CA ALA A 167 23.42 3.48 5.04
C ALA A 167 24.60 2.53 4.92
N PHE A 168 25.05 2.27 3.71
CA PHE A 168 26.18 1.38 3.52
C PHE A 168 27.44 1.97 4.10
N ILE A 169 27.60 3.28 4.05
CA ILE A 169 28.79 3.88 4.65
C ILE A 169 28.78 3.69 6.16
N LEU A 170 27.63 3.85 6.79
CA LEU A 170 27.58 3.65 8.24
C LEU A 170 27.82 2.19 8.60
N ILE A 171 27.19 1.25 7.89
CA ILE A 171 27.47 -0.16 8.14
C ILE A 171 28.95 -0.45 7.95
N SER A 172 29.55 0.15 6.93
CA SER A 172 30.97 -0.04 6.67
C SER A 172 31.81 0.48 7.80
N VAL A 173 31.48 1.65 8.32
CA VAL A 173 32.26 2.18 9.43
C VAL A 173 32.19 1.24 10.62
N ALA A 174 31.00 0.75 10.95
CA ALA A 174 30.91 -0.15 12.08
C ALA A 174 31.77 -1.38 11.89
N TRP A 175 31.58 -2.11 10.80
CA TRP A 175 32.33 -3.36 10.62
C TRP A 175 33.83 -3.11 10.47
N THR A 176 34.23 -2.05 9.79
CA THR A 176 35.65 -1.82 9.59
C THR A 176 36.33 -1.29 10.85
N LEU A 177 35.62 -0.51 11.65
CA LEU A 177 36.14 -0.13 12.94
C LEU A 177 36.31 -1.35 13.81
N SER A 178 35.33 -2.26 13.79
CA SER A 178 35.46 -3.48 14.56
C SER A 178 36.69 -4.29 14.14
N VAL A 179 36.79 -4.64 12.87
CA VAL A 179 37.88 -5.48 12.42
C VAL A 179 39.21 -4.83 12.72
N LEU A 180 39.34 -3.55 12.42
CA LEU A 180 40.57 -2.86 12.70
C LEU A 180 40.91 -2.94 14.18
N ILE A 181 40.06 -2.38 15.04
CA ILE A 181 40.42 -2.28 16.46
C ILE A 181 40.62 -3.64 17.11
N SER A 182 40.01 -4.71 16.56
CA SER A 182 40.18 -6.05 17.12
C SER A 182 41.43 -6.77 16.64
N PHE A 183 41.51 -7.09 15.36
CA PHE A 183 42.55 -8.01 14.91
C PHE A 183 43.93 -7.39 15.03
N ILE A 184 44.08 -6.15 14.58
CA ILE A 184 45.41 -5.58 14.42
C ILE A 184 46.20 -5.56 15.72
N PRO A 185 45.66 -5.18 16.87
CA PRO A 185 46.50 -5.24 18.07
C PRO A 185 46.68 -6.67 18.55
N VAL A 186 45.82 -7.59 18.12
CA VAL A 186 46.02 -8.96 18.55
C VAL A 186 47.17 -9.59 17.79
N GLN A 187 47.08 -9.63 16.47
CA GLN A 187 48.14 -10.26 15.68
C GLN A 187 49.47 -9.58 15.91
N LEU A 188 49.46 -8.32 16.33
CA LEU A 188 50.69 -7.66 16.70
C LEU A 188 50.99 -7.77 18.18
N SER A 189 50.21 -8.53 18.93
CA SER A 189 50.48 -8.84 20.33
C SER A 189 50.63 -7.60 21.19
N TRP A 190 49.75 -6.62 21.06
CA TRP A 190 49.74 -5.49 21.97
C TRP A 190 48.75 -5.70 23.10
N HIS A 191 47.86 -6.67 22.96
CA HIS A 191 46.80 -6.87 23.94
C HIS A 191 47.30 -7.60 25.17
N LYS A 192 48.41 -8.32 25.05
CA LYS A 192 48.95 -9.06 26.18
C LYS A 192 49.94 -8.19 26.96
N ALA A 193 49.85 -8.29 28.28
CA ALA A 193 50.69 -7.47 29.15
C ALA A 193 52.11 -8.05 29.23
N ASN A 212 44.41 -23.73 29.64
CA ASN A 212 43.73 -22.44 29.57
C ASN A 212 44.58 -21.43 28.83
N CYS A 213 43.98 -20.55 28.05
CA CYS A 213 44.78 -19.58 27.31
C CYS A 213 44.39 -18.18 27.76
N ASP A 214 45.41 -17.40 28.09
CA ASP A 214 45.25 -16.07 28.68
C ASP A 214 44.59 -15.16 27.66
N SER A 215 43.30 -14.90 27.88
CA SER A 215 42.61 -13.88 27.09
C SER A 215 42.70 -12.53 27.75
N SER A 216 43.53 -12.42 28.79
CA SER A 216 43.66 -11.18 29.56
C SER A 216 44.33 -10.06 28.78
N LEU A 217 43.51 -9.08 28.41
CA LEU A 217 43.88 -7.92 27.62
C LEU A 217 44.87 -7.06 28.40
N SER A 218 45.81 -6.45 27.70
CA SER A 218 46.82 -5.61 28.33
C SER A 218 46.18 -4.44 29.06
N ARG A 219 46.88 -3.94 30.07
CA ARG A 219 46.31 -2.94 30.96
C ARG A 219 45.94 -1.67 30.21
N THR A 220 46.78 -1.24 29.27
CA THR A 220 46.49 -0.03 28.50
C THR A 220 45.44 -0.31 27.43
N TYR A 221 45.51 -1.51 26.84
CA TYR A 221 44.59 -1.89 25.78
C TYR A 221 43.20 -2.06 26.33
N ALA A 222 43.08 -2.60 27.54
CA ALA A 222 41.75 -2.72 28.11
C ALA A 222 41.06 -1.37 28.15
N ILE A 223 41.67 -0.37 28.76
CA ILE A 223 41.02 0.92 28.89
C ILE A 223 40.81 1.56 27.52
N SER A 224 41.77 1.44 26.61
CA SER A 224 41.60 2.10 25.31
C SER A 224 40.48 1.46 24.49
N SER A 225 40.61 0.15 24.21
CA SER A 225 39.59 -0.53 23.45
C SER A 225 38.26 -0.54 24.18
N SER A 226 38.28 -0.48 25.50
CA SER A 226 37.02 -0.39 26.21
C SER A 226 36.35 0.94 25.96
N VAL A 227 37.08 2.04 26.16
CA VAL A 227 36.53 3.35 25.87
C VAL A 227 35.89 3.35 24.50
N ILE A 228 36.63 2.94 23.47
CA ILE A 228 35.97 2.91 22.16
C ILE A 228 34.71 2.06 22.22
N SER A 229 34.87 0.75 22.37
CA SER A 229 33.79 -0.16 22.01
C SER A 229 32.57 0.04 22.90
N PHE A 230 32.74 0.40 24.17
CA PHE A 230 31.56 0.64 24.99
C PHE A 230 31.31 2.11 25.19
N TYR A 231 32.28 2.82 25.74
CA TYR A 231 32.02 4.14 26.30
C TYR A 231 31.79 5.19 25.22
N ILE A 232 32.18 4.94 23.97
CA ILE A 232 31.77 5.92 22.97
C ILE A 232 30.32 5.54 22.63
N PRO A 233 30.00 4.28 22.34
CA PRO A 233 28.60 3.98 22.11
C PRO A 233 27.66 4.25 23.28
N VAL A 234 28.02 4.05 24.53
CA VAL A 234 27.01 4.32 25.55
C VAL A 234 26.77 5.81 25.68
N ALA A 235 27.80 6.61 25.49
CA ALA A 235 27.56 8.05 25.53
C ALA A 235 26.65 8.46 24.40
N ILE A 236 26.97 8.02 23.17
CA ILE A 236 26.09 8.36 22.07
C ILE A 236 24.68 7.84 22.23
N MET A 237 24.50 6.62 22.72
CA MET A 237 23.15 6.07 22.84
C MET A 237 22.36 6.76 23.92
N ILE A 238 22.98 7.10 25.05
CA ILE A 238 22.26 7.82 26.10
C ILE A 238 21.86 9.18 25.60
N VAL A 239 22.76 9.88 24.89
CA VAL A 239 22.42 11.18 24.36
C VAL A 239 21.24 11.07 23.42
N THR A 240 21.30 10.12 22.49
CA THR A 240 20.20 9.98 21.55
C THR A 240 18.90 9.66 22.22
N TYR A 241 18.87 8.69 23.12
CA TYR A 241 17.58 8.29 23.69
C TYR A 241 17.01 9.32 24.65
N THR A 242 17.84 10.10 25.32
CA THR A 242 17.27 11.16 26.13
C THR A 242 16.70 12.24 25.23
N ARG A 243 17.30 12.47 24.06
CA ARG A 243 16.71 13.44 23.13
C ARG A 243 15.38 12.95 22.58
N ILE A 244 15.32 11.67 22.22
CA ILE A 244 14.07 11.09 21.74
C ILE A 244 13.02 11.18 22.83
N TYR A 245 13.42 11.05 24.09
CA TYR A 245 12.45 11.20 25.16
C TYR A 245 11.93 12.61 25.23
N ARG A 246 12.80 13.60 25.13
CA ARG A 246 12.33 14.98 25.13
C ARG A 246 11.30 15.19 24.01
N ILE A 247 11.60 14.67 22.82
CA ILE A 247 10.69 14.88 21.70
C ILE A 247 9.35 14.18 21.92
N ALA A 248 9.38 12.92 22.35
CA ALA A 248 8.15 12.17 22.56
C ALA A 248 7.30 12.77 23.68
N GLN A 249 7.95 13.29 24.73
CA GLN A 249 7.22 13.94 25.80
C GLN A 249 6.54 15.20 25.31
N LYS A 250 7.23 15.98 24.49
CA LYS A 250 6.61 17.16 23.89
C LYS A 250 5.36 16.78 23.10
N GLN A 251 5.49 15.81 22.20
CA GLN A 251 4.34 15.45 21.38
C GLN A 251 3.20 14.90 22.21
N ILE A 252 3.51 14.15 23.29
CA ILE A 252 2.43 13.63 24.13
C ILE A 252 1.67 14.75 24.81
N ARG A 253 2.38 15.73 25.37
CA ARG A 253 1.69 16.86 25.98
C ARG A 253 0.81 17.55 24.95
N ARG A 254 1.31 17.69 23.72
CA ARG A 254 0.54 18.37 22.69
C ARG A 254 -0.73 17.59 22.34
N ILE A 255 -0.61 16.27 22.12
CA ILE A 255 -1.79 15.47 21.82
C ILE A 255 -2.79 15.51 22.97
N ALA A 256 -2.28 15.55 24.20
CA ALA A 256 -3.14 15.62 25.37
C ALA A 256 -3.91 16.93 25.42
N ALA A 257 -3.29 18.02 24.98
CA ALA A 257 -4.01 19.28 24.91
C ALA A 257 -5.28 19.17 24.07
N LEU A 258 -5.18 18.62 22.86
CA LEU A 258 -6.36 18.53 22.02
C LEU A 258 -7.45 17.67 22.65
N GLU A 259 -7.09 16.51 23.21
CA GLU A 259 -8.11 15.63 23.75
C GLU A 259 -8.79 16.26 24.96
N ARG A 260 -8.03 17.01 25.77
CA ARG A 260 -8.63 17.68 26.91
C ARG A 260 -9.55 18.81 26.46
N ALA A 261 -9.15 19.52 25.40
CA ALA A 261 -10.04 20.52 24.81
C ALA A 261 -11.34 19.89 24.36
N ALA A 262 -11.24 18.75 23.68
CA ALA A 262 -12.44 18.05 23.22
C ALA A 262 -13.33 17.65 24.39
N VAL A 263 -12.76 17.03 25.42
CA VAL A 263 -13.57 16.54 26.53
C VAL A 263 -14.17 17.69 27.32
N HIS A 264 -13.46 18.81 27.37
CA HIS A 264 -13.97 20.02 28.03
C HIS A 264 -15.15 20.66 27.27
N PHE A 291 -1.16 9.30 32.81
CA PHE A 291 0.12 9.25 32.12
C PHE A 291 0.32 7.90 31.46
N LYS A 292 -0.67 7.42 30.72
CA LYS A 292 -0.50 6.14 30.05
C LYS A 292 0.47 6.22 28.87
N ARG A 293 0.30 7.19 27.98
CA ARG A 293 1.29 7.30 26.90
C ARG A 293 2.68 7.62 27.42
N GLU A 294 2.77 8.42 28.48
CA GLU A 294 4.05 8.63 29.15
C GLU A 294 4.61 7.32 29.68
N THR A 295 3.76 6.49 30.25
CA THR A 295 4.21 5.19 30.72
C THR A 295 4.68 4.32 29.56
N LYS A 296 4.06 4.45 28.39
CA LYS A 296 4.55 3.67 27.25
C LYS A 296 5.93 4.11 26.81
N VAL A 297 6.15 5.42 26.71
CA VAL A 297 7.48 5.93 26.40
C VAL A 297 8.48 5.39 27.42
N LEU A 298 8.18 5.55 28.71
CA LEU A 298 9.12 5.07 29.73
C LEU A 298 9.38 3.59 29.56
N LYS A 299 8.34 2.81 29.27
CA LYS A 299 8.54 1.38 29.15
C LYS A 299 9.48 1.07 28.02
N THR A 300 9.28 1.68 26.85
CA THR A 300 10.13 1.29 25.72
C THR A 300 11.57 1.77 25.87
N LEU A 301 11.77 3.02 26.27
CA LEU A 301 13.13 3.50 26.45
C LEU A 301 13.83 2.75 27.57
N SER A 302 13.13 2.52 28.68
CA SER A 302 13.71 1.77 29.78
C SER A 302 14.05 0.35 29.37
N VAL A 303 13.18 -0.34 28.63
CA VAL A 303 13.52 -1.69 28.19
C VAL A 303 14.80 -1.67 27.37
N ILE A 304 14.87 -0.79 26.37
CA ILE A 304 16.04 -0.79 25.50
C ILE A 304 17.29 -0.50 26.29
N MET A 305 17.36 0.69 26.89
CA MET A 305 18.58 1.10 27.56
C MET A 305 18.88 0.22 28.76
N GLY A 306 17.87 -0.26 29.47
CA GLY A 306 18.16 -1.03 30.66
C GLY A 306 18.62 -2.43 30.34
N VAL A 307 18.10 -3.05 29.29
CA VAL A 307 18.69 -4.32 28.89
C VAL A 307 20.12 -4.13 28.44
N PHE A 308 20.38 -3.16 27.57
CA PHE A 308 21.75 -2.92 27.15
C PHE A 308 22.68 -2.65 28.31
N VAL A 309 22.32 -1.74 29.20
CA VAL A 309 23.25 -1.41 30.26
C VAL A 309 23.39 -2.54 31.25
N CYS A 310 22.27 -3.01 31.81
CA CYS A 310 22.39 -4.06 32.81
C CYS A 310 22.98 -5.33 32.24
N CYS A 311 23.07 -5.46 30.93
CA CYS A 311 23.68 -6.67 30.33
C CYS A 311 25.16 -6.45 30.03
N TRP A 312 25.54 -5.26 29.55
CA TRP A 312 26.91 -5.06 29.13
C TRP A 312 27.75 -4.30 30.14
N LEU A 313 27.17 -3.37 30.89
CA LEU A 313 27.96 -2.45 31.70
C LEU A 313 28.89 -3.11 32.70
N PRO A 314 28.48 -4.13 33.44
CA PRO A 314 29.42 -4.71 34.39
C PRO A 314 30.66 -5.22 33.72
N PHE A 315 30.52 -5.88 32.59
CA PHE A 315 31.71 -6.41 31.95
C PHE A 315 32.67 -5.30 31.63
N PHE A 316 32.19 -4.13 31.23
CA PHE A 316 33.16 -3.15 30.78
C PHE A 316 33.75 -2.33 31.94
N ILE A 317 33.00 -2.09 33.01
CA ILE A 317 33.70 -1.52 34.16
C ILE A 317 34.70 -2.52 34.75
N LEU A 318 34.43 -3.82 34.62
CA LEU A 318 35.45 -4.79 35.02
C LEU A 318 36.65 -4.75 34.11
N ASN A 319 36.43 -4.89 32.81
CA ASN A 319 37.53 -4.78 31.87
C ASN A 319 38.36 -3.55 32.16
N CYS A 320 37.73 -2.51 32.70
CA CYS A 320 38.46 -1.34 33.15
C CYS A 320 39.30 -1.62 34.39
N ILE A 321 38.68 -2.13 35.45
CA ILE A 321 39.31 -2.15 36.78
C ILE A 321 40.29 -3.31 36.89
N LEU A 322 39.99 -4.43 36.27
CA LEU A 322 40.69 -5.69 36.52
C LEU A 322 42.15 -5.68 36.10
N PRO A 323 42.52 -5.43 34.84
CA PRO A 323 43.94 -5.50 34.50
C PRO A 323 44.79 -4.53 35.29
N PHE A 324 44.23 -3.41 35.72
CA PHE A 324 45.01 -2.49 36.53
C PHE A 324 45.31 -3.09 37.90
N CYS A 325 44.33 -3.75 38.50
CA CYS A 325 44.46 -4.26 39.86
C CYS A 325 44.81 -5.73 39.91
N GLY A 326 44.55 -6.48 38.85
CA GLY A 326 44.77 -7.91 38.86
C GLY A 326 46.23 -8.29 39.07
N PHE A 333 38.17 -6.67 46.65
CA PHE A 333 38.28 -5.65 45.63
C PHE A 333 38.41 -6.28 44.24
N CYS A 334 39.39 -7.18 44.09
CA CYS A 334 39.61 -7.89 42.83
C CYS A 334 38.66 -9.07 42.78
N ILE A 335 38.58 -9.71 41.62
CA ILE A 335 37.62 -10.80 41.45
C ILE A 335 38.34 -12.03 40.93
N ASP A 336 37.58 -13.11 40.74
CA ASP A 336 38.14 -14.37 40.26
C ASP A 336 37.72 -14.66 38.82
N SER A 337 38.28 -15.75 38.28
CA SER A 337 38.01 -16.07 36.88
C SER A 337 36.56 -16.43 36.67
N ASN A 338 35.92 -17.03 37.66
CA ASN A 338 34.55 -17.48 37.47
C ASN A 338 33.61 -16.30 37.41
N THR A 339 33.80 -15.35 38.32
CA THR A 339 32.98 -14.15 38.31
C THR A 339 33.20 -13.34 37.05
N PHE A 340 34.47 -13.13 36.68
CA PHE A 340 34.72 -12.43 35.42
C PHE A 340 34.06 -13.16 34.27
N ASP A 341 33.96 -14.47 34.36
CA ASP A 341 33.39 -15.24 33.27
C ASP A 341 31.89 -15.05 33.19
N VAL A 342 31.20 -14.97 34.33
CA VAL A 342 29.76 -14.76 34.22
C VAL A 342 29.45 -13.38 33.66
N PHE A 343 30.24 -12.38 34.00
CA PHE A 343 30.01 -11.06 33.42
C PHE A 343 30.33 -11.03 31.93
N VAL A 344 31.29 -11.84 31.49
CA VAL A 344 31.47 -12.01 30.06
C VAL A 344 30.20 -12.56 29.43
N TRP A 345 29.66 -13.64 30.02
CA TRP A 345 28.45 -14.20 29.45
C TRP A 345 27.32 -13.18 29.42
N PHE A 346 27.28 -12.24 30.39
CA PHE A 346 26.26 -11.20 30.28
C PHE A 346 26.46 -10.40 29.02
N GLY A 347 27.71 -10.16 28.68
CA GLY A 347 27.96 -9.40 27.47
C GLY A 347 27.43 -10.11 26.24
N TRP A 348 27.77 -11.37 26.10
CA TRP A 348 27.24 -12.13 25.00
C TRP A 348 25.75 -12.46 25.09
N ALA A 349 25.15 -12.39 26.27
CA ALA A 349 23.70 -12.51 26.45
C ALA A 349 22.90 -11.39 25.83
N ASN A 350 23.39 -10.16 25.92
CA ASN A 350 22.72 -9.08 25.20
C ASN A 350 22.62 -9.40 23.73
N SER A 351 23.64 -10.00 23.14
CA SER A 351 23.55 -10.37 21.73
C SER A 351 22.41 -11.35 21.49
N SER A 352 21.99 -12.04 22.54
CA SER A 352 20.82 -12.91 22.42
C SER A 352 19.53 -12.11 22.48
N LEU A 353 19.47 -11.12 23.37
CA LEU A 353 18.21 -10.37 23.55
C LEU A 353 17.96 -9.40 22.41
N ASN A 354 19.00 -9.04 21.65
CA ASN A 354 18.82 -8.01 20.63
C ASN A 354 17.67 -8.24 19.66
N PRO A 355 17.41 -9.44 19.16
CA PRO A 355 16.29 -9.57 18.23
C PRO A 355 14.98 -9.12 18.83
N ILE A 356 14.65 -9.55 20.04
CA ILE A 356 13.31 -9.27 20.54
C ILE A 356 13.12 -7.80 20.83
N ILE A 357 14.18 -7.07 21.08
CA ILE A 357 13.95 -5.68 21.40
C ILE A 357 14.13 -4.80 20.17
N TYR A 358 14.87 -5.28 19.16
CA TYR A 358 15.10 -4.47 17.97
C TYR A 358 14.53 -5.02 16.68
N ALA A 359 13.86 -6.16 16.70
CA ALA A 359 13.29 -6.73 15.50
C ALA A 359 11.91 -7.32 15.71
N PHE A 360 11.07 -6.63 16.49
CA PHE A 360 9.66 -6.95 16.68
C PHE A 360 8.76 -5.83 16.18
N ASN A 361 9.08 -5.28 15.01
CA ASN A 361 8.03 -4.50 14.38
C ASN A 361 6.91 -5.43 13.94
N ALA A 362 5.73 -4.85 13.74
CA ALA A 362 4.58 -5.68 13.40
C ALA A 362 4.88 -6.52 12.17
N ASP A 363 5.48 -5.91 11.16
CA ASP A 363 5.83 -6.65 9.96
C ASP A 363 6.86 -7.73 10.26
N PHE A 364 7.84 -7.44 11.11
CA PHE A 364 8.77 -8.48 11.53
C PHE A 364 8.03 -9.61 12.24
N ARG A 365 7.08 -9.27 13.11
CA ARG A 365 6.31 -10.30 13.81
C ARG A 365 5.57 -11.18 12.82
N LYS A 366 4.92 -10.57 11.83
CA LYS A 366 4.14 -11.34 10.88
C LYS A 366 5.04 -12.17 9.97
N ALA A 367 6.22 -11.65 9.64
CA ALA A 367 7.15 -12.43 8.85
C ALA A 367 7.62 -13.65 9.62
N PHE A 368 7.90 -13.48 10.92
CA PHE A 368 8.24 -14.64 11.74
C PHE A 368 7.08 -15.62 11.77
N SER A 369 5.86 -15.12 11.92
CA SER A 369 4.69 -15.99 12.02
C SER A 369 4.49 -16.80 10.75
N THR A 370 4.74 -16.19 9.59
CA THR A 370 4.59 -16.93 8.33
C THR A 370 5.81 -17.81 8.07
N LEU A 371 6.93 -17.53 8.73
CA LEU A 371 8.10 -18.38 8.60
C LEU A 371 7.92 -19.64 9.43
N LEU A 372 7.76 -19.50 10.74
CA LEU A 372 7.66 -20.67 11.60
C LEU A 372 6.32 -21.37 11.43
N GLY A 373 5.26 -20.63 11.11
CA GLY A 373 3.95 -21.21 10.88
C GLY A 373 3.18 -21.66 12.10
N GLN B 7 20.00 -9.42 -34.24
CA GLN B 7 19.93 -10.74 -33.63
C GLN B 7 20.40 -10.66 -32.18
N ARG B 8 21.64 -11.10 -31.94
CA ARG B 8 22.26 -10.87 -30.65
C ARG B 8 22.53 -9.38 -30.44
N ASN B 9 22.77 -8.65 -31.53
CA ASN B 9 22.87 -7.21 -31.44
C ASN B 9 21.57 -6.60 -30.92
N GLU B 10 20.44 -7.12 -31.37
CA GLU B 10 19.17 -6.61 -30.86
C GLU B 10 18.98 -6.98 -29.40
N GLU B 11 19.59 -8.08 -28.95
CA GLU B 11 19.56 -8.38 -27.52
C GLU B 11 20.37 -7.39 -26.72
N LYS B 12 21.49 -6.91 -27.29
CA LYS B 12 22.27 -5.94 -26.54
C LYS B 12 21.61 -4.57 -26.60
N ALA B 13 20.87 -4.31 -27.68
CA ALA B 13 20.16 -3.04 -27.76
C ALA B 13 18.99 -3.04 -26.80
N GLN B 14 18.34 -4.20 -26.64
CA GLN B 14 17.24 -4.29 -25.69
C GLN B 14 17.79 -4.19 -24.27
N ARG B 15 19.00 -4.72 -24.04
CA ARG B 15 19.58 -4.70 -22.71
C ARG B 15 19.98 -3.28 -22.33
N GLU B 16 20.48 -2.52 -23.30
CA GLU B 16 20.86 -1.14 -22.98
C GLU B 16 19.63 -0.24 -22.96
N ALA B 17 18.57 -0.62 -23.66
CA ALA B 17 17.29 0.05 -23.47
C ALA B 17 16.76 -0.18 -22.06
N ASN B 18 16.90 -1.40 -21.55
CA ASN B 18 16.54 -1.65 -20.16
C ASN B 18 17.42 -0.85 -19.22
N LYS B 19 18.69 -0.66 -19.58
CA LYS B 19 19.56 0.12 -18.71
C LYS B 19 19.17 1.59 -18.68
N LYS B 20 18.89 2.18 -19.85
CA LYS B 20 18.49 3.58 -19.85
C LYS B 20 17.16 3.77 -19.14
N ILE B 21 16.29 2.75 -19.21
CA ILE B 21 15.02 2.90 -18.54
C ILE B 21 15.23 2.83 -17.05
N GLU B 22 15.95 1.82 -16.57
CA GLU B 22 16.08 1.62 -15.14
C GLU B 22 16.83 2.78 -14.49
N LYS B 23 17.77 3.42 -15.20
CA LYS B 23 18.44 4.55 -14.57
C LYS B 23 17.60 5.82 -14.60
N GLN B 24 16.71 5.94 -15.59
CA GLN B 24 15.72 7.00 -15.52
C GLN B 24 14.76 6.75 -14.36
N LEU B 25 14.35 5.50 -14.18
CA LEU B 25 13.47 5.16 -13.08
C LEU B 25 14.17 5.33 -11.73
N GLN B 26 15.49 5.23 -11.68
CA GLN B 26 16.14 5.46 -10.40
C GLN B 26 16.15 6.94 -10.02
N LYS B 27 16.39 7.82 -10.99
CA LYS B 27 16.29 9.24 -10.66
C LYS B 27 14.85 9.63 -10.36
N ASP B 28 13.91 9.02 -11.09
CA ASP B 28 12.51 9.29 -10.82
C ASP B 28 12.09 8.72 -9.48
N LYS B 29 12.65 7.59 -9.07
CA LYS B 29 12.34 7.04 -7.75
C LYS B 29 12.75 7.99 -6.66
N GLN B 30 13.92 8.59 -6.79
CA GLN B 30 14.33 9.52 -5.74
C GLN B 30 13.41 10.73 -5.73
N VAL B 31 12.98 11.18 -6.91
CA VAL B 31 12.10 12.33 -6.97
C VAL B 31 10.75 11.99 -6.35
N TYR B 32 10.15 10.87 -6.76
CA TYR B 32 8.88 10.45 -6.20
C TYR B 32 8.98 10.21 -4.70
N ARG B 33 10.13 9.72 -4.24
CA ARG B 33 10.31 9.45 -2.82
C ARG B 33 10.30 10.74 -2.01
N ALA B 34 10.69 11.85 -2.64
CA ALA B 34 10.80 13.05 -1.83
C ALA B 34 9.60 13.98 -1.93
N THR B 35 8.55 13.60 -2.66
CA THR B 35 7.38 14.46 -2.80
C THR B 35 6.32 14.01 -1.82
N HIS B 36 5.81 14.92 -1.01
CA HIS B 36 4.74 14.67 -0.05
C HIS B 36 3.38 14.98 -0.64
N ARG B 37 2.65 13.93 -1.00
CA ARG B 37 1.34 14.10 -1.56
C ARG B 37 0.34 14.49 -0.49
N LEU B 38 -0.44 15.52 -0.78
CA LEU B 38 -1.45 16.08 0.09
C LEU B 38 -2.75 16.12 -0.69
N LEU B 39 -3.79 15.52 -0.16
CA LEU B 39 -5.06 15.53 -0.86
C LEU B 39 -5.92 16.64 -0.28
N LEU B 40 -6.49 17.48 -1.14
CA LEU B 40 -7.35 18.57 -0.72
C LEU B 40 -8.77 18.07 -0.89
N LEU B 41 -9.54 18.09 0.20
CA LEU B 41 -10.93 17.63 0.20
C LEU B 41 -11.80 18.66 0.90
N GLY B 42 -13.11 18.58 0.69
CA GLY B 42 -13.97 19.55 1.33
C GLY B 42 -15.18 19.93 0.49
N ALA B 43 -16.19 20.51 1.12
CA ALA B 43 -17.40 20.90 0.43
C ALA B 43 -17.11 21.97 -0.62
N ASP B 44 -18.09 22.21 -1.48
CA ASP B 44 -18.05 23.40 -2.33
C ASP B 44 -18.43 24.64 -1.54
N ASN B 45 -18.37 25.79 -2.22
CA ASN B 45 -18.47 27.08 -1.54
C ASN B 45 -17.43 27.18 -0.44
N SER B 46 -16.29 26.52 -0.65
CA SER B 46 -15.16 26.53 0.25
C SER B 46 -13.98 27.15 -0.46
N GLY B 47 -12.80 27.02 0.12
CA GLY B 47 -11.63 27.56 -0.54
C GLY B 47 -10.64 26.62 -1.21
N LYS B 48 -11.04 25.41 -1.59
CA LYS B 48 -10.05 24.51 -2.16
C LYS B 48 -9.46 25.07 -3.45
N SER B 49 -10.30 25.47 -4.39
CA SER B 49 -9.74 25.96 -5.63
C SER B 49 -8.98 27.26 -5.42
N THR B 50 -9.44 28.11 -4.48
CA THR B 50 -8.69 29.33 -4.22
C THR B 50 -7.37 29.04 -3.54
N ILE B 51 -7.31 28.01 -2.68
CA ILE B 51 -6.06 27.66 -2.04
C ILE B 51 -5.05 27.15 -3.07
N VAL B 52 -5.52 26.32 -4.02
CA VAL B 52 -4.59 25.84 -5.02
C VAL B 52 -4.14 26.99 -5.91
N LYS B 53 -5.06 27.88 -6.26
CA LYS B 53 -4.69 29.06 -7.05
C LYS B 53 -3.67 29.93 -6.32
N GLN B 54 -3.86 30.15 -5.02
CA GLN B 54 -2.94 30.99 -4.26
C GLN B 54 -1.58 30.34 -4.15
N MET B 55 -1.52 29.03 -3.97
CA MET B 55 -0.23 28.39 -3.82
C MET B 55 0.55 28.45 -5.12
N ARG B 56 -0.15 28.30 -6.24
CA ARG B 56 0.51 28.40 -7.53
C ARG B 56 1.07 29.80 -7.73
N ILE B 57 0.45 30.79 -7.11
CA ILE B 57 0.84 32.19 -7.26
C ILE B 57 1.98 32.52 -6.30
N LEU B 58 1.72 32.41 -5.00
CA LEU B 58 2.61 32.99 -4.00
C LEU B 58 3.87 32.15 -3.78
N HIS B 59 3.78 30.84 -3.90
CA HIS B 59 4.94 29.98 -3.84
C HIS B 59 5.17 29.39 -5.23
N GLY B 60 6.41 28.96 -5.48
CA GLY B 60 6.72 28.34 -6.76
C GLY B 60 5.84 27.13 -6.96
N GLY B 61 4.85 27.24 -7.83
CA GLY B 61 3.83 26.22 -7.95
C GLY B 61 3.63 25.77 -9.37
N SER B 62 3.77 24.46 -9.58
CA SER B 62 3.61 23.88 -10.89
C SER B 62 2.15 23.93 -11.33
N GLY B 70 -6.77 26.11 -9.28
CA GLY B 70 -7.99 25.62 -9.91
C GLY B 70 -7.83 24.22 -10.48
N ILE B 71 -6.75 24.03 -11.25
CA ILE B 71 -6.45 22.74 -11.85
C ILE B 71 -6.31 21.73 -10.72
N PHE B 72 -6.43 20.44 -11.02
CA PHE B 72 -6.51 19.47 -9.95
C PHE B 72 -5.26 19.48 -9.08
N GLU B 73 -4.10 19.75 -9.67
CA GLU B 73 -2.84 19.55 -8.95
C GLU B 73 -2.13 20.87 -8.76
N THR B 74 -1.17 20.86 -7.85
CA THR B 74 -0.21 21.93 -7.63
C THR B 74 1.02 21.28 -7.02
N LYS B 75 2.19 21.73 -7.43
CA LYS B 75 3.45 21.20 -6.93
C LYS B 75 4.25 22.37 -6.41
N PHE B 76 4.60 22.34 -5.12
CA PHE B 76 5.33 23.46 -4.56
C PHE B 76 6.34 22.96 -3.54
N GLN B 77 7.38 23.75 -3.34
CA GLN B 77 8.46 23.41 -2.43
C GLN B 77 8.59 24.39 -1.29
N VAL B 78 8.72 23.86 -0.08
CA VAL B 78 9.05 24.64 1.10
C VAL B 78 10.32 24.08 1.71
N ASP B 79 11.34 24.92 1.86
CA ASP B 79 12.61 24.55 2.50
C ASP B 79 13.16 23.23 1.94
N LYS B 80 13.30 23.16 0.62
CA LYS B 80 13.83 21.99 -0.09
C LYS B 80 13.00 20.75 0.10
N VAL B 81 11.73 20.90 0.45
CA VAL B 81 10.82 19.78 0.62
C VAL B 81 9.68 19.95 -0.35
N ASN B 82 9.53 19.00 -1.26
CA ASN B 82 8.55 19.10 -2.32
C ASN B 82 7.24 18.51 -1.85
N PHE B 83 6.14 19.11 -2.30
CA PHE B 83 4.78 18.71 -2.03
C PHE B 83 4.01 18.67 -3.33
N HIS B 84 3.00 17.83 -3.34
CA HIS B 84 2.08 17.77 -4.47
C HIS B 84 0.70 17.71 -3.85
N MET B 85 -0.02 18.80 -3.96
CA MET B 85 -1.35 18.94 -3.39
C MET B 85 -2.34 18.79 -4.53
N PHE B 86 -3.34 17.95 -4.35
CA PHE B 86 -4.26 17.75 -5.46
C PHE B 86 -5.66 17.94 -4.97
N ASP B 87 -6.48 18.67 -5.72
CA ASP B 87 -7.89 18.80 -5.36
C ASP B 87 -8.72 18.18 -6.47
N VAL B 88 -9.62 17.27 -6.14
CA VAL B 88 -10.44 16.64 -7.18
C VAL B 88 -11.71 17.47 -7.28
N GLY B 89 -12.02 17.92 -8.50
CA GLY B 89 -13.17 18.80 -8.67
C GLY B 89 -14.33 18.18 -9.42
N GLY B 90 -14.03 17.49 -10.53
CA GLY B 90 -15.06 16.81 -11.32
C GLY B 90 -15.57 15.48 -10.81
N GLN B 91 -15.84 15.34 -9.51
CA GLN B 91 -16.53 14.11 -9.20
C GLN B 91 -17.92 14.34 -8.62
N ARG B 92 -18.62 13.22 -8.38
CA ARG B 92 -19.88 13.15 -7.67
C ARG B 92 -19.65 13.31 -6.17
N ASP B 93 -20.63 12.89 -5.36
CA ASP B 93 -20.49 13.03 -3.93
C ASP B 93 -20.20 11.68 -3.28
N GLU B 94 -20.33 10.59 -4.03
CA GLU B 94 -19.95 9.30 -3.48
C GLU B 94 -18.45 9.19 -3.68
N ARG B 95 -17.69 9.76 -2.76
CA ARG B 95 -16.24 9.66 -2.79
C ARG B 95 -15.74 8.37 -2.21
N ARG B 96 -16.60 7.35 -2.16
CA ARG B 96 -16.19 6.09 -1.56
C ARG B 96 -15.29 5.27 -2.48
N LYS B 97 -15.19 5.62 -3.77
CA LYS B 97 -14.33 4.78 -4.59
C LYS B 97 -13.10 5.48 -5.14
N TRP B 98 -13.16 6.78 -5.46
CA TRP B 98 -11.88 7.31 -5.92
C TRP B 98 -10.96 7.61 -4.75
N ILE B 99 -11.48 7.50 -3.52
CA ILE B 99 -10.65 7.81 -2.37
C ILE B 99 -9.56 6.80 -2.18
N GLN B 100 -9.80 5.55 -2.55
CA GLN B 100 -8.75 4.57 -2.36
C GLN B 100 -7.55 4.83 -3.24
N CYS B 101 -7.59 5.83 -4.13
CA CYS B 101 -6.36 6.17 -4.83
C CYS B 101 -5.44 7.03 -3.98
N PHE B 102 -5.86 7.37 -2.76
CA PHE B 102 -5.13 8.28 -1.88
C PHE B 102 -4.99 7.69 -0.50
N ASN B 103 -4.83 6.39 -0.43
CA ASN B 103 -4.66 5.75 0.85
C ASN B 103 -3.29 6.00 1.44
N ASP B 104 -2.34 6.47 0.66
CA ASP B 104 -0.99 6.68 1.14
C ASP B 104 -0.58 8.15 1.22
N VAL B 105 -1.53 9.08 1.04
CA VAL B 105 -1.14 10.47 1.12
C VAL B 105 -0.74 10.80 2.54
N THR B 106 0.10 11.82 2.67
CA THR B 106 0.58 12.23 3.99
C THR B 106 -0.53 12.82 4.82
N ALA B 107 -1.37 13.64 4.22
CA ALA B 107 -2.44 14.27 4.95
C ALA B 107 -3.52 14.73 4.00
N ILE B 108 -4.72 14.88 4.55
CA ILE B 108 -5.86 15.41 3.82
C ILE B 108 -6.10 16.80 4.36
N ILE B 109 -6.22 17.77 3.48
CA ILE B 109 -6.52 19.14 3.86
C ILE B 109 -8.00 19.36 3.69
N PHE B 110 -8.73 19.31 4.79
CA PHE B 110 -10.16 19.48 4.80
C PHE B 110 -10.48 20.95 5.01
N VAL B 111 -11.14 21.56 4.05
CA VAL B 111 -11.46 22.98 4.10
C VAL B 111 -12.92 23.13 4.43
N VAL B 112 -13.26 24.01 5.36
CA VAL B 112 -14.63 24.18 5.80
C VAL B 112 -14.97 25.65 5.80
N ASP B 113 -16.05 26.00 5.13
CA ASP B 113 -16.54 27.37 5.12
C ASP B 113 -17.12 27.72 6.48
N SER B 114 -16.30 28.31 7.35
CA SER B 114 -16.77 28.60 8.70
C SER B 114 -17.80 29.72 8.70
N SER B 115 -17.94 30.44 7.60
CA SER B 115 -18.87 31.56 7.55
C SER B 115 -20.21 31.15 6.97
N ASP B 116 -20.39 29.87 6.67
CA ASP B 116 -21.66 29.41 6.07
C ASP B 116 -22.44 28.64 7.12
N TYR B 117 -23.25 29.37 7.89
CA TYR B 117 -23.85 28.86 9.12
C TYR B 117 -24.82 27.72 8.89
N ASN B 118 -25.29 27.50 7.67
CA ASN B 118 -26.29 26.46 7.45
C ASN B 118 -25.71 25.28 6.68
N ARG B 119 -24.69 25.53 5.86
CA ARG B 119 -23.95 24.42 5.29
C ARG B 119 -22.89 23.89 6.24
N LEU B 120 -22.86 24.36 7.49
CA LEU B 120 -21.89 23.87 8.45
C LEU B 120 -22.23 22.47 8.95
N GLN B 121 -23.51 22.15 9.08
CA GLN B 121 -23.85 20.78 9.46
C GLN B 121 -23.45 19.79 8.37
N GLU B 122 -23.53 20.21 7.12
CA GLU B 122 -23.07 19.34 6.04
C GLU B 122 -21.59 19.08 6.18
N ALA B 123 -20.83 20.11 6.55
CA ALA B 123 -19.41 19.95 6.76
C ALA B 123 -19.12 19.03 7.93
N LEU B 124 -19.91 19.11 9.00
CA LEU B 124 -19.69 18.20 10.12
C LEU B 124 -19.94 16.75 9.72
N ASN B 125 -21.03 16.51 8.98
CA ASN B 125 -21.32 15.14 8.54
C ASN B 125 -20.28 14.62 7.56
N LEU B 126 -19.83 15.47 6.64
CA LEU B 126 -18.81 15.05 5.70
C LEU B 126 -17.49 14.79 6.41
N PHE B 127 -17.17 15.60 7.41
CA PHE B 127 -15.95 15.36 8.15
C PHE B 127 -16.03 14.05 8.91
N LYS B 128 -17.21 13.73 9.40
CA LYS B 128 -17.34 12.48 10.14
C LYS B 128 -17.16 11.30 9.20
N SER B 129 -17.69 11.40 7.99
CA SER B 129 -17.55 10.31 7.04
C SER B 129 -16.13 10.18 6.55
N ILE B 130 -15.38 11.28 6.46
CA ILE B 130 -13.99 11.21 6.04
C ILE B 130 -13.11 10.67 7.15
N TRP B 131 -13.34 11.12 8.37
CA TRP B 131 -12.50 10.74 9.49
C TRP B 131 -12.63 9.25 9.80
N ASN B 132 -13.81 8.68 9.59
CA ASN B 132 -14.06 7.27 9.84
C ASN B 132 -13.99 6.38 8.60
N ASN B 133 -13.40 6.85 7.51
CA ASN B 133 -13.35 6.04 6.30
C ASN B 133 -12.43 4.83 6.47
N ARG B 134 -12.84 3.71 5.89
CA ARG B 134 -12.07 2.48 6.02
C ARG B 134 -10.71 2.58 5.35
N TRP B 135 -10.57 3.44 4.35
CA TRP B 135 -9.31 3.49 3.62
C TRP B 135 -8.46 4.65 4.06
N LEU B 136 -8.93 5.40 5.05
CA LEU B 136 -8.21 6.52 5.63
C LEU B 136 -8.17 6.30 7.13
N ARG B 137 -7.27 5.44 7.57
CA ARG B 137 -7.20 5.10 8.97
C ARG B 137 -5.93 5.68 9.54
N THR B 138 -4.92 5.88 8.70
CA THR B 138 -3.64 6.40 9.11
C THR B 138 -3.41 7.77 8.49
N ILE B 139 -4.43 8.31 7.85
CA ILE B 139 -4.35 9.60 7.20
C ILE B 139 -4.85 10.65 8.17
N SER B 140 -3.96 11.52 8.60
CA SER B 140 -4.27 12.65 9.43
C SER B 140 -4.88 13.75 8.60
N VAL B 141 -5.74 14.54 9.21
CA VAL B 141 -6.45 15.56 8.47
C VAL B 141 -6.00 16.88 9.03
N ILE B 142 -5.71 17.82 8.13
CA ILE B 142 -5.39 19.19 8.47
C ILE B 142 -6.65 19.99 8.23
N LEU B 143 -7.21 20.55 9.29
CA LEU B 143 -8.49 21.20 9.21
C LEU B 143 -8.28 22.68 8.98
N PHE B 144 -8.76 23.20 7.88
CA PHE B 144 -8.73 24.63 7.60
C PHE B 144 -10.12 25.17 7.86
N LEU B 145 -10.26 25.97 8.89
CA LEU B 145 -11.54 26.63 9.14
C LEU B 145 -11.44 27.93 8.37
N ASN B 146 -11.80 27.87 7.10
CA ASN B 146 -11.50 28.93 6.15
C ASN B 146 -12.49 30.09 6.27
N LYS B 147 -12.18 31.18 5.60
CA LYS B 147 -13.07 32.34 5.51
C LYS B 147 -13.33 32.91 6.89
N GLN B 148 -12.26 33.10 7.66
CA GLN B 148 -12.42 33.68 9.00
C GLN B 148 -12.78 35.16 8.93
N ASP B 149 -12.34 35.86 7.89
CA ASP B 149 -12.70 37.27 7.76
C ASP B 149 -14.19 37.42 7.55
N LEU B 150 -14.78 36.57 6.72
CA LEU B 150 -16.22 36.60 6.54
C LEU B 150 -16.93 36.24 7.83
N LEU B 151 -16.38 35.30 8.58
CA LEU B 151 -16.97 34.96 9.86
C LEU B 151 -17.00 36.14 10.80
N ALA B 152 -15.89 36.89 10.88
CA ALA B 152 -15.90 38.08 11.71
C ALA B 152 -16.91 39.10 11.20
N GLU B 153 -17.06 39.19 9.87
CA GLU B 153 -18.04 40.10 9.30
C GLU B 153 -19.44 39.75 9.78
N LYS B 154 -19.79 38.46 9.71
CA LYS B 154 -21.14 38.04 10.09
C LYS B 154 -21.35 38.19 11.59
N VAL B 155 -20.33 37.90 12.40
CA VAL B 155 -20.51 38.00 13.85
C VAL B 155 -20.69 39.44 14.27
N LEU B 156 -19.87 40.36 13.72
CA LEU B 156 -20.02 41.76 14.09
C LEU B 156 -21.32 42.32 13.54
N ALA B 157 -21.78 41.80 12.39
CA ALA B 157 -23.04 42.26 11.82
C ALA B 157 -24.21 41.83 12.69
N GLY B 158 -24.16 40.62 13.25
CA GLY B 158 -25.22 40.19 14.14
C GLY B 158 -26.55 39.90 13.48
N LYS B 159 -26.55 39.51 12.20
CA LYS B 159 -27.81 39.19 11.53
C LYS B 159 -28.12 37.69 11.58
N SER B 160 -27.11 36.84 11.41
CA SER B 160 -27.26 35.39 11.55
C SER B 160 -26.44 34.84 12.70
N LYS B 161 -27.11 34.50 13.80
CA LYS B 161 -26.44 34.05 15.02
C LYS B 161 -26.37 32.53 15.05
N ILE B 162 -25.28 32.00 15.60
CA ILE B 162 -25.02 30.56 15.58
C ILE B 162 -26.05 29.77 16.40
N GLU B 163 -26.60 30.37 17.46
CA GLU B 163 -27.50 29.61 18.34
C GLU B 163 -28.76 29.17 17.60
N ASP B 164 -29.16 29.88 16.55
CA ASP B 164 -30.36 29.49 15.81
C ASP B 164 -30.12 28.21 15.05
N TYR B 165 -28.86 27.91 14.74
CA TYR B 165 -28.53 26.67 14.02
C TYR B 165 -27.95 25.64 14.97
N PHE B 166 -27.17 26.09 15.96
CA PHE B 166 -26.61 25.21 16.98
C PHE B 166 -26.99 25.74 18.36
N PRO B 167 -28.14 25.34 18.93
CA PRO B 167 -28.54 25.88 20.24
C PRO B 167 -27.54 25.62 21.35
N GLU B 168 -26.67 24.63 21.21
CA GLU B 168 -25.59 24.36 22.16
C GLU B 168 -24.67 25.56 22.36
N PHE B 169 -24.53 26.41 21.34
CA PHE B 169 -23.60 27.52 21.42
C PHE B 169 -23.97 28.46 22.56
N ALA B 170 -25.21 28.41 23.00
CA ALA B 170 -25.67 29.28 24.07
C ALA B 170 -24.98 28.92 25.38
N ARG B 171 -24.80 27.62 25.64
CA ARG B 171 -24.16 27.23 26.88
C ARG B 171 -22.65 27.04 26.71
N TYR B 172 -22.11 27.37 25.55
CA TYR B 172 -20.70 27.15 25.29
C TYR B 172 -19.85 28.25 25.93
N THR B 173 -18.75 27.85 26.55
CA THR B 173 -17.82 28.78 27.18
C THR B 173 -16.52 28.79 26.41
N THR B 174 -16.01 29.99 26.13
CA THR B 174 -14.72 30.11 25.44
C THR B 174 -13.64 29.38 26.22
N PRO B 175 -12.87 28.50 25.58
CA PRO B 175 -11.85 27.73 26.30
C PRO B 175 -10.80 28.62 26.93
N GLU B 176 -10.26 28.15 28.05
CA GLU B 176 -9.16 28.84 28.74
C GLU B 176 -7.81 28.72 28.04
N ASP B 177 -7.71 27.90 26.99
CA ASP B 177 -6.47 27.74 26.24
C ASP B 177 -6.46 28.54 24.94
N ALA B 178 -7.48 29.36 24.72
CA ALA B 178 -7.60 30.05 23.45
C ALA B 178 -6.50 31.09 23.28
N THR B 179 -6.00 31.19 22.06
CA THR B 179 -4.95 32.14 21.71
C THR B 179 -5.48 33.04 20.61
N PRO B 180 -6.19 34.09 20.96
CA PRO B 180 -6.70 35.01 19.93
C PRO B 180 -5.60 35.87 19.36
N GLU B 181 -5.77 36.23 18.09
CA GLU B 181 -4.81 37.09 17.44
C GLU B 181 -5.01 38.51 17.93
N PRO B 182 -4.02 39.39 17.81
CA PRO B 182 -4.18 40.76 18.31
C PRO B 182 -5.34 41.48 17.64
N GLY B 183 -6.28 41.97 18.45
CA GLY B 183 -7.42 42.68 17.91
C GLY B 183 -8.60 41.85 17.50
N GLU B 184 -9.18 41.08 18.42
CA GLU B 184 -10.29 40.21 18.09
C GLU B 184 -11.39 40.29 19.13
N ASP B 185 -12.63 40.47 18.66
CA ASP B 185 -13.75 40.56 19.57
C ASP B 185 -13.96 39.19 20.24
N PRO B 186 -14.14 39.15 21.55
CA PRO B 186 -14.40 37.86 22.22
C PRO B 186 -15.58 37.08 21.66
N ARG B 187 -16.57 37.74 21.06
CA ARG B 187 -17.64 37.00 20.42
C ARG B 187 -17.13 36.21 19.22
N VAL B 188 -16.26 36.80 18.41
CA VAL B 188 -15.72 36.09 17.25
C VAL B 188 -14.81 34.97 17.72
N THR B 189 -14.03 35.21 18.76
CA THR B 189 -13.15 34.18 19.29
C THR B 189 -13.96 33.01 19.79
N ARG B 190 -15.07 33.28 20.47
CA ARG B 190 -15.88 32.19 21.01
C ARG B 190 -16.56 31.43 19.89
N ALA B 191 -16.91 32.13 18.82
CA ALA B 191 -17.60 31.47 17.72
C ALA B 191 -16.64 30.53 16.98
N LYS B 192 -15.45 31.01 16.67
CA LYS B 192 -14.53 30.19 15.89
C LYS B 192 -13.94 29.08 16.73
N TYR B 193 -13.84 29.28 18.05
CA TYR B 193 -13.37 28.15 18.84
C TYR B 193 -14.49 27.16 19.12
N PHE B 194 -15.74 27.60 19.01
CA PHE B 194 -16.85 26.65 19.09
C PHE B 194 -16.87 25.75 17.87
N ILE B 195 -16.71 26.33 16.68
CA ILE B 195 -16.62 25.50 15.49
C ILE B 195 -15.42 24.57 15.58
N ARG B 196 -14.32 25.09 16.14
CA ARG B 196 -13.14 24.26 16.31
C ARG B 196 -13.45 23.06 17.18
N ASP B 197 -14.18 23.27 18.28
CA ASP B 197 -14.39 22.13 19.16
C ASP B 197 -15.46 21.19 18.63
N GLU B 198 -16.33 21.64 17.73
CA GLU B 198 -17.26 20.70 17.13
C GLU B 198 -16.55 19.72 16.21
N PHE B 199 -15.51 20.21 15.56
CA PHE B 199 -14.75 19.29 14.72
C PHE B 199 -13.76 18.51 15.54
N LEU B 200 -13.24 19.09 16.59
CA LEU B 200 -12.33 18.31 17.41
C LEU B 200 -13.11 17.24 18.17
N ARG B 201 -14.36 17.49 18.52
CA ARG B 201 -15.17 16.44 19.15
C ARG B 201 -15.38 15.28 18.21
N ILE B 202 -15.32 15.56 16.90
CA ILE B 202 -15.42 14.41 16.01
C ILE B 202 -14.07 13.75 15.86
N SER B 203 -13.00 14.52 15.76
CA SER B 203 -11.69 13.93 15.52
C SER B 203 -11.22 13.15 16.74
N THR B 204 -11.62 13.62 17.94
CA THR B 204 -11.26 12.99 19.19
C THR B 204 -12.24 11.89 19.57
N ALA B 205 -13.31 11.74 18.81
CA ALA B 205 -14.28 10.71 19.11
C ALA B 205 -13.65 9.36 18.76
N SER B 206 -14.49 8.41 18.38
CA SER B 206 -14.04 7.04 18.03
C SER B 206 -12.63 7.16 17.43
N GLY B 207 -12.43 7.87 16.34
CA GLY B 207 -11.11 8.06 15.77
C GLY B 207 -10.21 6.86 15.89
N ASP B 208 -8.98 7.14 16.33
CA ASP B 208 -7.99 6.12 16.61
C ASP B 208 -6.75 6.80 17.15
N GLY B 209 -5.80 6.00 17.61
CA GLY B 209 -4.55 6.57 18.04
C GLY B 209 -3.65 6.61 16.83
N ARG B 210 -4.17 6.09 15.73
CA ARG B 210 -3.49 6.06 14.45
C ARG B 210 -3.43 7.39 13.72
N HIS B 211 -4.37 8.32 13.95
CA HIS B 211 -4.27 9.60 13.27
C HIS B 211 -5.00 10.71 14.01
N TYR B 212 -4.67 11.96 13.69
CA TYR B 212 -5.13 13.14 14.41
C TYR B 212 -5.57 14.23 13.44
N CYS B 213 -6.22 15.25 13.98
CA CYS B 213 -6.69 16.41 13.22
C CYS B 213 -6.07 17.66 13.80
N TYR B 214 -5.53 18.52 12.93
CA TYR B 214 -4.82 19.70 13.39
C TYR B 214 -5.54 20.94 12.88
N PRO B 215 -6.36 21.59 13.67
CA PRO B 215 -7.10 22.74 13.17
C PRO B 215 -6.23 23.97 13.03
N HIS B 216 -6.59 24.80 12.06
CA HIS B 216 -5.93 26.06 11.78
C HIS B 216 -6.97 27.00 11.24
N PHE B 217 -6.97 28.24 11.69
CA PHE B 217 -7.87 29.24 11.15
C PHE B 217 -7.17 29.93 9.99
N THR B 218 -7.73 29.81 8.80
CA THR B 218 -7.06 30.31 7.61
C THR B 218 -8.03 31.13 6.78
N CYS B 219 -7.49 32.05 5.98
CA CYS B 219 -8.29 32.72 4.96
C CYS B 219 -7.57 32.60 3.63
N ALA B 220 -8.29 32.90 2.55
CA ALA B 220 -7.76 32.60 1.22
C ALA B 220 -6.58 33.52 0.89
N VAL B 221 -6.48 34.65 1.60
CA VAL B 221 -5.44 35.63 1.32
C VAL B 221 -4.26 35.43 2.23
N ASP B 222 -4.40 34.50 3.17
CA ASP B 222 -3.38 34.20 4.15
C ASP B 222 -2.16 33.68 3.41
N THR B 223 -0.99 34.15 3.80
CA THR B 223 0.21 33.78 3.08
C THR B 223 0.96 32.64 3.73
N GLU B 224 0.80 32.43 5.03
CA GLU B 224 1.54 31.38 5.70
C GLU B 224 0.89 30.01 5.45
N ASN B 225 -0.06 29.92 4.52
CA ASN B 225 -0.76 28.65 4.34
C ASN B 225 0.12 27.62 3.66
N ALA B 226 1.40 27.92 3.51
CA ALA B 226 2.35 26.89 3.14
C ALA B 226 3.10 26.42 4.37
N ARG B 227 3.45 27.35 5.24
CA ARG B 227 4.08 26.98 6.50
C ARG B 227 3.17 26.13 7.34
N ARG B 228 1.85 26.30 7.24
CA ARG B 228 1.00 25.45 8.05
C ARG B 228 0.99 24.02 7.55
N ILE B 229 0.87 23.83 6.24
CA ILE B 229 0.93 22.49 5.70
C ILE B 229 2.30 21.87 5.90
N PHE B 230 3.34 22.69 5.81
CA PHE B 230 4.68 22.16 6.08
C PHE B 230 4.83 21.73 7.53
N ASN B 231 4.54 22.62 8.47
CA ASN B 231 4.61 22.27 9.87
C ASN B 231 3.83 21.01 10.18
N ASP B 232 2.62 20.89 9.65
CA ASP B 232 1.78 19.78 10.08
C ASP B 232 2.14 18.51 9.37
N CYS B 233 2.63 18.58 8.14
CA CYS B 233 3.17 17.37 7.56
C CYS B 233 4.37 16.91 8.35
N ARG B 234 5.19 17.84 8.82
CA ARG B 234 6.31 17.46 9.66
C ARG B 234 5.87 16.81 10.96
N ASP B 235 4.84 17.35 11.63
CA ASP B 235 4.37 16.67 12.84
C ASP B 235 3.80 15.29 12.56
N ILE B 236 3.09 15.13 11.44
CA ILE B 236 2.54 13.82 11.12
C ILE B 236 3.67 12.85 10.89
N ILE B 237 4.71 13.27 10.19
CA ILE B 237 5.83 12.36 9.98
C ILE B 237 6.57 12.06 11.26
N GLN B 238 6.78 13.06 12.10
CA GLN B 238 7.40 12.81 13.39
C GLN B 238 6.63 11.76 14.15
N ARG B 239 5.31 11.90 14.22
CA ARG B 239 4.51 10.94 14.98
C ARG B 239 4.46 9.59 14.30
N MET B 240 4.57 9.53 12.97
CA MET B 240 4.65 8.23 12.33
C MET B 240 5.94 7.55 12.72
N HIS B 241 7.04 8.29 12.79
CA HIS B 241 8.30 7.68 13.19
C HIS B 241 8.28 7.30 14.66
N LEU B 242 7.60 8.07 15.50
CA LEU B 242 7.47 7.69 16.90
C LEU B 242 6.66 6.41 17.02
N ARG B 243 5.42 6.43 16.56
CA ARG B 243 4.60 5.24 16.65
C ARG B 243 5.20 4.04 15.93
N GLN B 244 6.18 4.27 15.06
CA GLN B 244 6.81 3.11 14.44
C GLN B 244 7.71 2.40 15.44
N TYR B 245 8.48 3.16 16.22
CA TYR B 245 9.35 2.62 17.26
C TYR B 245 8.66 2.47 18.58
N GLU B 246 7.34 2.49 18.61
CA GLU B 246 6.53 2.26 19.80
C GLU B 246 6.79 3.28 20.88
N LEU B 247 7.57 4.33 20.62
CA LEU B 247 7.76 5.36 21.62
C LEU B 247 6.45 6.07 21.95
N LEU B 248 5.88 6.82 21.03
CA LEU B 248 4.65 7.52 21.36
C LEU B 248 3.56 6.52 21.36
N SER C 18 -55.19 5.10 -6.97
CA SER C 18 -54.20 6.15 -7.17
C SER C 18 -54.66 7.14 -8.22
N GLY C 19 -53.85 7.33 -9.26
CA GLY C 19 -54.19 8.25 -10.32
C GLY C 19 -53.01 9.01 -10.86
N SER C 20 -51.92 9.05 -10.10
CA SER C 20 -50.71 9.76 -10.50
C SER C 20 -49.82 8.84 -11.33
N GLU C 21 -49.64 9.19 -12.60
CA GLU C 21 -49.01 8.30 -13.56
C GLU C 21 -47.61 7.86 -13.11
N LEU C 22 -46.97 8.63 -12.24
CA LEU C 22 -45.68 8.20 -11.69
C LEU C 22 -45.82 6.99 -10.77
N ASP C 23 -46.86 6.95 -9.93
CA ASP C 23 -46.99 5.76 -9.09
C ASP C 23 -47.44 4.57 -9.91
N GLN C 24 -48.11 4.82 -11.03
CA GLN C 24 -48.52 3.73 -11.89
C GLN C 24 -47.35 3.20 -12.70
N LEU C 25 -46.38 4.06 -13.00
CA LEU C 25 -45.19 3.57 -13.68
C LEU C 25 -44.28 2.83 -12.70
N ARG C 26 -44.21 3.27 -11.45
CA ARG C 26 -43.46 2.50 -10.45
C ARG C 26 -44.09 1.13 -10.25
N GLN C 27 -45.43 1.08 -10.22
CA GLN C 27 -46.13 -0.19 -10.09
C GLN C 27 -45.91 -1.06 -11.32
N GLU C 28 -46.08 -0.52 -12.53
CA GLU C 28 -45.86 -1.33 -13.72
C GLU C 28 -44.40 -1.74 -13.83
N ALA C 29 -43.49 -0.96 -13.26
CA ALA C 29 -42.08 -1.34 -13.18
C ALA C 29 -41.91 -2.59 -12.35
N GLU C 30 -42.50 -2.60 -11.15
CA GLU C 30 -42.38 -3.79 -10.31
C GLU C 30 -43.08 -4.98 -10.96
N GLN C 31 -44.22 -4.73 -11.62
CA GLN C 31 -44.89 -5.82 -12.35
C GLN C 31 -43.99 -6.42 -13.42
N LEU C 32 -43.27 -5.59 -14.18
CA LEU C 32 -42.37 -6.13 -15.18
C LEU C 32 -41.19 -6.85 -14.56
N LYS C 33 -40.67 -6.33 -13.43
CA LYS C 33 -39.53 -7.02 -12.84
C LYS C 33 -39.94 -8.37 -12.29
N ASN C 34 -41.21 -8.51 -11.87
CA ASN C 34 -41.63 -9.80 -11.34
C ASN C 34 -42.06 -10.77 -12.44
N GLN C 35 -42.62 -10.28 -13.54
CA GLN C 35 -42.83 -11.16 -14.70
C GLN C 35 -41.49 -11.63 -15.25
N ILE C 36 -40.47 -10.78 -15.20
CA ILE C 36 -39.14 -11.16 -15.66
C ILE C 36 -38.53 -12.16 -14.69
N ARG C 37 -38.74 -11.99 -13.38
CA ARG C 37 -38.19 -12.95 -12.42
C ARG C 37 -38.85 -14.30 -12.60
N ASP C 38 -40.13 -14.29 -12.99
CA ASP C 38 -40.81 -15.56 -13.22
C ASP C 38 -40.30 -16.21 -14.50
N ALA C 39 -40.10 -15.40 -15.56
CA ALA C 39 -39.54 -15.95 -16.79
C ALA C 39 -38.11 -16.42 -16.60
N ARG C 40 -37.43 -15.95 -15.53
CA ARG C 40 -36.08 -16.42 -15.27
C ARG C 40 -36.10 -17.72 -14.49
N LYS C 41 -37.01 -17.83 -13.52
CA LYS C 41 -37.12 -19.08 -12.78
C LYS C 41 -37.78 -20.16 -13.63
N ALA C 42 -38.47 -19.78 -14.70
CA ALA C 42 -39.09 -20.76 -15.59
C ALA C 42 -38.05 -21.60 -16.31
N CYS C 43 -36.96 -20.98 -16.75
CA CYS C 43 -35.89 -21.68 -17.44
C CYS C 43 -34.82 -22.22 -16.49
N ALA C 44 -35.00 -22.07 -15.18
CA ALA C 44 -34.06 -22.61 -14.20
C ALA C 44 -34.46 -24.04 -13.80
N ASP C 45 -34.20 -24.98 -14.71
N ASP C 45 -34.24 -24.97 -14.72
CA ASP C 45 -34.62 -26.35 -14.45
CA ASP C 45 -34.61 -26.36 -14.47
C ASP C 45 -33.60 -27.11 -13.61
C ASP C 45 -33.61 -27.08 -13.58
N ALA C 46 -32.31 -26.78 -13.73
CA ALA C 46 -31.27 -27.49 -13.03
C ALA C 46 -30.17 -26.50 -12.68
N THR C 47 -29.13 -26.99 -12.02
CA THR C 47 -27.97 -26.16 -11.72
C THR C 47 -26.76 -26.76 -12.41
N LEU C 48 -25.77 -25.90 -12.64
CA LEU C 48 -24.55 -26.36 -13.30
C LEU C 48 -23.81 -27.39 -12.46
N SER C 49 -23.88 -27.27 -11.13
CA SER C 49 -23.16 -28.20 -10.27
C SER C 49 -23.74 -29.60 -10.35
N GLN C 50 -25.06 -29.74 -10.37
CA GLN C 50 -25.64 -31.08 -10.51
C GLN C 50 -25.27 -31.71 -11.84
N ILE C 51 -25.24 -30.91 -12.91
CA ILE C 51 -24.92 -31.43 -14.23
C ILE C 51 -23.45 -31.86 -14.27
N THR C 52 -22.57 -31.05 -13.68
CA THR C 52 -21.13 -31.25 -13.75
C THR C 52 -20.58 -31.97 -12.53
N ASN C 53 -21.43 -32.65 -11.77
CA ASN C 53 -20.97 -33.38 -10.60
C ASN C 53 -20.20 -34.63 -11.00
N ASN C 54 -20.46 -35.18 -12.20
CA ASN C 54 -19.76 -36.39 -12.63
C ASN C 54 -18.46 -36.13 -13.38
N ILE C 55 -18.08 -34.87 -13.61
CA ILE C 55 -16.81 -34.61 -14.29
C ILE C 55 -15.69 -34.75 -13.26
N ASP C 56 -14.46 -34.97 -13.72
CA ASP C 56 -13.36 -35.04 -12.77
C ASP C 56 -12.79 -33.66 -12.45
N PRO C 57 -12.41 -33.44 -11.19
CA PRO C 57 -11.81 -32.16 -10.80
C PRO C 57 -10.45 -31.96 -11.45
N VAL C 58 -10.12 -30.68 -11.67
CA VAL C 58 -8.84 -30.35 -12.31
C VAL C 58 -7.66 -30.75 -11.44
N GLY C 59 -7.90 -31.03 -10.16
CA GLY C 59 -6.82 -31.35 -9.27
C GLY C 59 -6.22 -30.07 -8.72
N ARG C 60 -5.28 -30.25 -7.79
CA ARG C 60 -4.57 -29.13 -7.20
C ARG C 60 -3.70 -28.51 -8.29
N ILE C 61 -3.84 -27.21 -8.47
CA ILE C 61 -3.07 -26.45 -9.45
C ILE C 61 -2.17 -25.50 -8.67
N GLN C 62 -0.86 -25.78 -8.70
CA GLN C 62 0.13 -24.99 -7.96
C GLN C 62 1.06 -24.36 -8.99
N MET C 63 0.69 -23.18 -9.46
CA MET C 63 1.56 -22.39 -10.32
C MET C 63 2.56 -21.62 -9.48
N ARG C 64 3.68 -21.27 -10.09
CA ARG C 64 4.79 -20.64 -9.40
C ARG C 64 5.24 -19.39 -10.13
N THR C 65 5.85 -18.48 -9.39
CA THR C 65 6.31 -17.24 -9.98
C THR C 65 7.47 -17.55 -10.93
N ARG C 66 7.29 -17.27 -12.21
CA ARG C 66 8.34 -17.54 -13.17
C ARG C 66 9.16 -16.32 -13.51
N ARG C 67 8.58 -15.14 -13.38
CA ARG C 67 9.23 -13.88 -13.63
C ARG C 67 8.77 -12.91 -12.57
N THR C 68 9.54 -11.86 -12.33
CA THR C 68 9.09 -10.78 -11.46
C THR C 68 9.52 -9.48 -12.12
N LEU C 69 8.57 -8.59 -12.32
CA LEU C 69 8.81 -7.37 -13.08
C LEU C 69 8.80 -6.20 -12.12
N ARG C 70 9.96 -5.61 -11.91
CA ARG C 70 10.11 -4.58 -10.92
C ARG C 70 10.42 -3.29 -11.63
N GLY C 71 10.21 -2.18 -10.95
CA GLY C 71 10.60 -0.92 -11.51
C GLY C 71 9.61 0.13 -11.05
N HIS C 72 8.39 -0.31 -10.73
CA HIS C 72 7.34 0.64 -10.45
C HIS C 72 7.54 1.21 -9.07
N LEU C 73 7.28 2.50 -8.93
CA LEU C 73 7.53 3.18 -7.67
C LEU C 73 6.29 3.27 -6.80
N ALA C 74 5.14 2.83 -7.30
CA ALA C 74 3.88 2.91 -6.58
C ALA C 74 2.98 1.75 -6.96
N LYS C 75 1.74 1.80 -6.50
CA LYS C 75 0.82 0.70 -6.69
C LYS C 75 0.37 0.58 -8.12
N ILE C 76 0.40 -0.62 -8.66
CA ILE C 76 -0.01 -0.82 -10.03
C ILE C 76 -1.53 -0.89 -10.05
N TYR C 77 -2.16 -0.37 -11.09
CA TYR C 77 -3.60 -0.34 -11.10
C TYR C 77 -4.20 -0.97 -12.32
N ALA C 78 -3.45 -1.19 -13.37
CA ALA C 78 -4.04 -1.78 -14.56
C ALA C 78 -2.92 -2.40 -15.38
N MET C 79 -3.26 -3.46 -16.11
CA MET C 79 -2.28 -4.02 -17.01
C MET C 79 -3.06 -4.68 -18.13
N HIS C 80 -2.40 -4.86 -19.27
CA HIS C 80 -3.08 -5.50 -20.38
C HIS C 80 -2.06 -6.12 -21.31
N TRP C 81 -2.20 -7.42 -21.54
CA TRP C 81 -1.33 -8.08 -22.49
C TRP C 81 -1.58 -7.60 -23.91
N GLY C 82 -0.57 -7.76 -24.74
CA GLY C 82 -0.73 -7.52 -26.15
C GLY C 82 -1.23 -8.75 -26.86
N THR C 83 -1.52 -8.61 -28.15
CA THR C 83 -2.00 -9.75 -28.93
C THR C 83 -0.90 -10.77 -29.16
N ASP C 84 0.35 -10.34 -29.23
CA ASP C 84 1.43 -11.29 -29.43
C ASP C 84 1.67 -12.13 -28.19
N SER C 85 0.97 -11.86 -27.09
CA SER C 85 1.14 -12.57 -25.82
C SER C 85 2.53 -12.43 -25.24
N ARG C 86 3.31 -11.45 -25.67
CA ARG C 86 4.65 -11.26 -25.13
C ARG C 86 4.81 -9.94 -24.40
N LEU C 87 4.42 -8.83 -25.01
CA LEU C 87 4.52 -7.54 -24.38
C LEU C 87 3.27 -7.26 -23.57
N LEU C 88 3.41 -6.38 -22.57
CA LEU C 88 2.28 -5.96 -21.75
C LEU C 88 2.57 -4.57 -21.21
N VAL C 89 1.52 -3.82 -20.94
CA VAL C 89 1.65 -2.46 -20.44
C VAL C 89 1.13 -2.43 -19.03
N SER C 90 1.76 -1.64 -18.19
CA SER C 90 1.32 -1.51 -16.82
C SER C 90 1.26 -0.06 -16.44
N ALA C 91 0.24 0.30 -15.68
CA ALA C 91 0.01 1.67 -15.28
C ALA C 91 0.13 1.71 -13.77
N SER C 92 0.99 2.57 -13.27
CA SER C 92 1.11 2.73 -11.83
C SER C 92 0.74 4.11 -11.37
N GLN C 93 0.43 4.20 -10.09
CA GLN C 93 -0.01 5.48 -9.58
C GLN C 93 1.18 6.32 -9.18
N ASP C 94 2.37 5.99 -9.67
CA ASP C 94 3.48 6.93 -9.61
C ASP C 94 3.54 7.82 -10.83
N GLY C 95 2.53 7.77 -11.68
CA GLY C 95 2.56 8.57 -12.87
C GLY C 95 3.32 7.96 -14.02
N LYS C 96 3.44 6.63 -14.06
CA LYS C 96 4.21 5.96 -15.09
C LYS C 96 3.39 4.88 -15.76
N LEU C 97 3.79 4.55 -16.97
CA LEU C 97 3.15 3.52 -17.78
C LEU C 97 4.28 2.77 -18.46
N ILE C 98 4.64 1.62 -17.91
CA ILE C 98 5.83 0.91 -18.33
C ILE C 98 5.40 -0.22 -19.24
N ILE C 99 6.12 -0.42 -20.33
CA ILE C 99 5.85 -1.52 -21.24
C ILE C 99 6.94 -2.56 -21.08
N TRP C 100 6.54 -3.80 -20.89
CA TRP C 100 7.44 -4.89 -20.59
C TRP C 100 7.42 -5.89 -21.73
N ASP C 101 8.58 -6.48 -21.98
CA ASP C 101 8.73 -7.67 -22.81
C ASP C 101 8.79 -8.80 -21.79
N SER C 102 7.64 -9.41 -21.53
CA SER C 102 7.53 -10.34 -20.41
C SER C 102 8.47 -11.52 -20.56
N TYR C 103 8.90 -11.83 -21.78
CA TYR C 103 9.81 -12.95 -21.97
C TYR C 103 11.19 -12.68 -21.40
N THR C 104 11.75 -11.51 -21.67
CA THR C 104 13.12 -11.20 -21.27
C THR C 104 13.21 -10.20 -20.13
N THR C 105 12.09 -9.79 -19.54
CA THR C 105 12.05 -8.83 -18.44
C THR C 105 12.67 -7.50 -18.80
N ASN C 106 12.92 -7.22 -20.08
CA ASN C 106 13.44 -5.92 -20.44
C ASN C 106 12.29 -4.94 -20.53
N LYS C 107 12.58 -3.68 -20.27
CA LYS C 107 11.57 -2.63 -20.38
C LYS C 107 11.71 -2.02 -21.77
N VAL C 108 10.61 -1.93 -22.50
CA VAL C 108 10.70 -1.36 -23.84
C VAL C 108 10.43 0.13 -23.79
N HIS C 109 9.51 0.56 -22.94
CA HIS C 109 9.23 1.98 -22.81
C HIS C 109 8.84 2.27 -21.37
N ALA C 110 9.05 3.51 -20.97
CA ALA C 110 8.65 3.98 -19.65
C ALA C 110 8.06 5.36 -19.85
N ILE C 111 6.74 5.44 -19.97
CA ILE C 111 6.07 6.67 -20.36
C ILE C 111 5.70 7.41 -19.08
N PRO C 112 6.24 8.60 -18.83
CA PRO C 112 5.75 9.40 -17.72
C PRO C 112 4.39 9.96 -18.10
N LEU C 113 3.51 10.05 -17.11
CA LEU C 113 2.13 10.48 -17.31
C LEU C 113 1.86 11.86 -16.73
N ARG C 114 0.91 12.53 -17.38
CA ARG C 114 0.45 13.82 -16.86
CA ARG C 114 0.45 13.82 -16.86
C ARG C 114 -0.18 13.68 -15.49
N SER C 115 -1.30 12.98 -15.41
CA SER C 115 -1.97 12.73 -14.14
C SER C 115 -1.43 11.43 -13.59
N SER C 116 -1.01 11.44 -12.34
CA SER C 116 -0.39 10.25 -11.78
C SER C 116 -1.39 9.22 -11.30
N TRP C 117 -2.66 9.56 -11.20
CA TRP C 117 -3.68 8.66 -10.66
C TRP C 117 -4.33 7.85 -11.77
N VAL C 118 -3.54 7.20 -12.52
CA VAL C 118 -4.07 6.39 -13.60
C VAL C 118 -4.75 5.18 -13.02
N MET C 119 -5.82 4.75 -13.68
CA MET C 119 -6.64 3.65 -13.23
C MET C 119 -6.84 2.59 -14.29
N THR C 120 -6.54 2.87 -15.54
CA THR C 120 -6.69 1.88 -16.59
C THR C 120 -5.64 2.07 -17.66
N CYS C 121 -5.42 1.04 -18.45
CA CYS C 121 -4.49 1.09 -19.56
C CYS C 121 -4.89 -0.02 -20.50
N ALA C 122 -4.82 0.24 -21.80
CA ALA C 122 -5.19 -0.74 -22.79
C ALA C 122 -4.10 -0.92 -23.83
N TYR C 123 -4.17 -1.99 -24.60
CA TYR C 123 -3.18 -2.26 -25.62
C TYR C 123 -3.92 -2.53 -26.92
N ALA C 124 -3.74 -1.64 -27.90
CA ALA C 124 -4.48 -1.75 -29.14
C ALA C 124 -4.18 -3.10 -29.79
N PRO C 125 -5.18 -3.74 -30.41
CA PRO C 125 -4.93 -5.06 -30.99
C PRO C 125 -3.91 -5.05 -32.11
N SER C 126 -3.65 -3.89 -32.71
CA SER C 126 -2.60 -3.78 -33.71
C SER C 126 -1.21 -3.54 -33.12
N GLY C 127 -1.11 -3.36 -31.81
CA GLY C 127 0.15 -3.07 -31.18
C GLY C 127 0.74 -1.71 -31.47
N ASN C 128 0.03 -0.84 -32.18
CA ASN C 128 0.55 0.47 -32.53
C ASN C 128 0.33 1.51 -31.45
N TYR C 129 -0.68 1.34 -30.60
CA TYR C 129 -1.06 2.37 -29.65
C TYR C 129 -1.31 1.75 -28.29
N VAL C 130 -1.07 2.56 -27.26
CA VAL C 130 -1.45 2.28 -25.89
C VAL C 130 -2.38 3.39 -25.45
N ALA C 131 -3.24 3.07 -24.50
CA ALA C 131 -4.17 4.06 -23.95
C ALA C 131 -4.10 4.02 -22.45
N CYS C 132 -4.56 5.10 -21.81
CA CYS C 132 -4.61 5.14 -20.35
C CYS C 132 -5.44 6.32 -19.89
N GLY C 133 -5.95 6.22 -18.68
CA GLY C 133 -6.73 7.30 -18.12
C GLY C 133 -6.94 7.09 -16.65
N GLY C 134 -7.53 8.08 -16.02
CA GLY C 134 -7.72 8.00 -14.58
C GLY C 134 -8.57 9.12 -14.05
N LEU C 135 -8.14 9.71 -12.94
CA LEU C 135 -8.89 10.75 -12.27
C LEU C 135 -8.92 12.05 -13.07
N ASP C 136 -8.15 12.17 -14.14
CA ASP C 136 -8.23 13.35 -14.99
C ASP C 136 -9.44 13.37 -15.91
N ASN C 137 -10.25 12.32 -15.91
CA ASN C 137 -11.46 12.24 -16.75
C ASN C 137 -11.12 12.31 -18.24
N ILE C 138 -9.92 11.86 -18.62
CA ILE C 138 -9.42 11.98 -19.98
C ILE C 138 -8.87 10.62 -20.37
N CYS C 139 -9.15 10.18 -21.59
CA CYS C 139 -8.51 8.98 -22.11
C CYS C 139 -7.39 9.38 -23.07
N SER C 140 -6.17 9.03 -22.75
CA SER C 140 -5.02 9.47 -23.54
C SER C 140 -4.53 8.31 -24.38
N ILE C 141 -4.37 8.54 -25.69
CA ILE C 141 -3.81 7.57 -26.61
C ILE C 141 -2.40 7.99 -26.96
N TYR C 142 -1.48 7.03 -26.93
CA TYR C 142 -0.08 7.23 -27.25
C TYR C 142 0.31 6.29 -28.39
N ASN C 143 0.97 6.85 -29.40
CA ASN C 143 1.38 6.09 -30.57
C ASN C 143 2.74 5.50 -30.29
N LEU C 144 2.79 4.18 -30.15
CA LEU C 144 4.05 3.47 -29.92
C LEU C 144 4.91 3.38 -31.16
N LYS C 145 4.32 3.42 -32.34
CA LYS C 145 5.03 3.35 -33.61
C LYS C 145 5.36 4.75 -34.15
N THR C 146 5.57 5.71 -33.26
CA THR C 146 5.97 7.04 -33.68
C THR C 146 7.28 6.98 -34.45
N ARG C 147 7.51 8.01 -35.27
CA ARG C 147 8.61 7.99 -36.24
C ARG C 147 9.80 8.84 -35.82
N GLU C 148 9.67 9.71 -34.84
CA GLU C 148 10.80 10.49 -34.36
C GLU C 148 10.78 10.65 -32.85
N GLY C 149 11.98 10.88 -32.31
CA GLY C 149 12.32 10.91 -30.90
C GLY C 149 11.70 9.85 -30.00
N ASN C 150 10.83 10.35 -29.13
CA ASN C 150 10.29 9.64 -27.99
C ASN C 150 8.78 9.44 -28.16
N VAL C 151 8.31 8.29 -27.69
CA VAL C 151 6.86 8.07 -27.66
C VAL C 151 6.26 9.12 -26.74
N ARG C 152 5.23 9.80 -27.23
CA ARG C 152 4.55 10.86 -26.51
C ARG C 152 3.06 10.77 -26.81
N VAL C 153 2.30 11.74 -26.30
CA VAL C 153 0.86 11.72 -26.45
C VAL C 153 0.48 12.09 -27.88
N SER C 154 -0.51 11.39 -28.41
CA SER C 154 -1.09 11.61 -29.72
C SER C 154 -2.53 12.10 -29.66
N ARG C 155 -3.41 11.39 -28.96
CA ARG C 155 -4.77 11.89 -28.79
C ARG C 155 -5.13 11.92 -27.32
N GLU C 156 -6.28 12.54 -27.03
CA GLU C 156 -6.77 12.75 -25.67
C GLU C 156 -8.26 13.03 -25.77
N LEU C 157 -9.04 12.11 -25.24
CA LEU C 157 -10.48 12.03 -25.39
C LEU C 157 -11.11 12.65 -24.15
N ALA C 158 -11.88 13.70 -24.36
CA ALA C 158 -12.49 14.47 -23.28
C ALA C 158 -14.00 14.37 -23.38
N GLY C 159 -14.67 14.54 -22.24
CA GLY C 159 -16.12 14.60 -22.27
C GLY C 159 -16.79 14.06 -21.02
N HIS C 160 -16.07 13.25 -20.26
CA HIS C 160 -16.67 12.58 -19.11
C HIS C 160 -16.68 13.54 -17.94
N THR C 161 -17.76 13.49 -17.15
CA THR C 161 -17.85 14.24 -15.90
C THR C 161 -17.43 13.44 -14.68
N GLY C 162 -16.85 12.27 -14.87
CA GLY C 162 -16.42 11.42 -13.77
C GLY C 162 -15.07 10.81 -14.08
N TYR C 163 -14.56 10.06 -13.11
CA TYR C 163 -13.22 9.53 -13.24
C TYR C 163 -13.27 8.32 -14.17
N LEU C 164 -12.28 8.20 -15.01
CA LEU C 164 -12.27 7.13 -16.01
C LEU C 164 -11.77 5.86 -15.36
N SER C 165 -12.57 4.81 -15.40
CA SER C 165 -12.23 3.58 -14.71
C SER C 165 -11.72 2.46 -15.61
N CYS C 166 -12.11 2.40 -16.87
CA CYS C 166 -11.64 1.32 -17.73
C CYS C 166 -11.82 1.69 -19.18
N CYS C 167 -10.96 1.13 -20.04
CA CYS C 167 -11.02 1.38 -21.47
C CYS C 167 -10.29 0.27 -22.20
N ARG C 168 -10.80 -0.10 -23.38
CA ARG C 168 -10.26 -1.18 -24.20
C ARG C 168 -10.49 -0.84 -25.65
N PHE C 169 -9.49 -1.08 -26.49
CA PHE C 169 -9.64 -0.81 -27.92
C PHE C 169 -10.53 -1.85 -28.60
N LEU C 170 -11.28 -1.39 -29.60
CA LEU C 170 -11.91 -2.24 -30.60
C LEU C 170 -11.05 -2.40 -31.84
N ASP C 171 -10.63 -1.29 -32.44
CA ASP C 171 -9.66 -1.29 -33.52
C ASP C 171 -8.76 -0.07 -33.34
N ASP C 172 -8.01 0.27 -34.38
CA ASP C 172 -7.07 1.37 -34.24
C ASP C 172 -7.75 2.72 -34.21
N ASN C 173 -9.07 2.78 -34.36
CA ASN C 173 -9.81 4.03 -34.28
CA ASN C 173 -9.81 4.02 -34.26
C ASN C 173 -10.99 3.96 -33.31
N GLN C 174 -11.46 2.77 -32.96
CA GLN C 174 -12.61 2.70 -32.08
C GLN C 174 -12.13 2.34 -30.68
N ILE C 175 -12.60 3.07 -29.68
CA ILE C 175 -12.21 2.75 -28.31
C ILE C 175 -13.38 3.02 -27.39
N VAL C 176 -13.60 2.14 -26.46
CA VAL C 176 -14.69 2.29 -25.50
C VAL C 176 -14.13 2.64 -24.14
N THR C 177 -14.81 3.54 -23.43
CA THR C 177 -14.35 4.02 -22.14
C THR C 177 -15.48 3.83 -21.14
N SER C 178 -15.11 3.72 -19.87
CA SER C 178 -16.03 3.62 -18.75
C SER C 178 -15.74 4.70 -17.72
N SER C 179 -16.78 5.30 -17.12
CA SER C 179 -16.51 6.43 -16.24
C SER C 179 -17.37 6.38 -15.00
N GLY C 180 -17.00 7.20 -14.03
CA GLY C 180 -17.71 7.32 -12.78
C GLY C 180 -18.95 8.14 -12.85
N ASP C 181 -19.26 8.72 -14.01
CA ASP C 181 -20.53 9.40 -14.21
C ASP C 181 -21.64 8.43 -14.55
N THR C 182 -21.43 7.15 -14.25
CA THR C 182 -22.41 6.08 -14.46
C THR C 182 -22.66 5.82 -15.93
N THR C 183 -21.73 6.18 -16.80
CA THR C 183 -21.90 5.98 -18.22
C THR C 183 -20.68 5.34 -18.86
N CYS C 184 -20.94 4.68 -19.97
CA CYS C 184 -19.89 4.19 -20.85
C CYS C 184 -20.02 4.89 -22.19
N ALA C 185 -18.95 4.93 -22.95
CA ALA C 185 -19.02 5.67 -24.20
C ALA C 185 -18.13 5.01 -25.23
N LEU C 186 -18.59 4.93 -26.46
CA LEU C 186 -17.76 4.49 -27.57
C LEU C 186 -17.29 5.69 -28.38
N TRP C 187 -15.97 5.78 -28.60
CA TRP C 187 -15.30 6.91 -29.20
C TRP C 187 -14.68 6.54 -30.54
N ASP C 188 -14.64 7.52 -31.45
CA ASP C 188 -13.85 7.48 -32.67
C ASP C 188 -12.62 8.34 -32.47
N ILE C 189 -11.46 7.69 -32.28
CA ILE C 189 -10.26 8.37 -31.80
C ILE C 189 -9.90 9.55 -32.70
N GLU C 190 -10.10 9.42 -34.01
CA GLU C 190 -9.71 10.51 -34.91
C GLU C 190 -10.59 11.74 -34.70
N THR C 191 -11.90 11.60 -34.91
CA THR C 191 -12.78 12.77 -34.76
C THR C 191 -12.89 13.24 -33.31
N GLY C 192 -12.60 12.38 -32.34
CA GLY C 192 -12.72 12.72 -30.94
C GLY C 192 -14.13 12.87 -30.38
N GLN C 193 -15.14 12.44 -31.11
CA GLN C 193 -16.54 12.53 -30.70
C GLN C 193 -17.03 11.25 -30.04
N GLN C 194 -17.91 11.41 -29.06
CA GLN C 194 -18.51 10.21 -28.47
C GLN C 194 -19.51 9.68 -29.49
N THR C 195 -19.08 8.69 -30.26
CA THR C 195 -19.93 8.12 -31.30
C THR C 195 -21.11 7.36 -30.71
N THR C 196 -21.01 6.97 -29.44
CA THR C 196 -22.13 6.25 -28.84
C THR C 196 -22.09 6.43 -27.33
N THR C 197 -23.25 6.63 -26.73
CA THR C 197 -23.32 6.81 -25.28
C THR C 197 -24.17 5.70 -24.70
N PHE C 198 -23.74 5.16 -23.57
CA PHE C 198 -24.42 4.08 -22.87
C PHE C 198 -24.77 4.59 -21.49
N THR C 199 -26.06 4.79 -21.25
CA THR C 199 -26.59 5.27 -19.99
C THR C 199 -27.63 4.30 -19.44
N GLY C 200 -27.76 4.33 -18.12
CA GLY C 200 -28.72 3.48 -17.43
C GLY C 200 -28.23 3.04 -16.07
N HIS C 201 -26.93 3.09 -15.84
CA HIS C 201 -26.42 2.72 -14.53
C HIS C 201 -26.67 3.83 -13.52
N THR C 202 -26.96 3.44 -12.29
CA THR C 202 -27.20 4.38 -11.21
C THR C 202 -25.92 4.74 -10.47
N GLY C 203 -25.05 3.76 -10.23
CA GLY C 203 -23.79 3.95 -9.56
C GLY C 203 -22.60 3.97 -10.51
N ASP C 204 -21.43 4.11 -9.91
CA ASP C 204 -20.20 4.21 -10.69
C ASP C 204 -19.94 2.94 -11.48
N VAL C 205 -19.74 3.07 -12.78
CA VAL C 205 -19.35 1.93 -13.59
C VAL C 205 -17.88 1.67 -13.34
N MET C 206 -17.55 0.45 -12.91
CA MET C 206 -16.18 0.14 -12.52
C MET C 206 -15.39 -0.69 -13.53
N SER C 207 -16.02 -1.56 -14.32
CA SER C 207 -15.25 -2.39 -15.23
C SER C 207 -16.07 -2.78 -16.46
N LEU C 208 -15.38 -2.93 -17.59
CA LEU C 208 -16.00 -3.40 -18.82
C LEU C 208 -15.11 -4.46 -19.47
N SER C 209 -15.74 -5.32 -20.28
CA SER C 209 -15.05 -6.38 -20.99
C SER C 209 -15.70 -6.57 -22.36
N LEU C 210 -14.92 -6.45 -23.42
CA LEU C 210 -15.42 -6.61 -24.77
C LEU C 210 -15.51 -8.08 -25.14
N ALA C 211 -16.57 -8.45 -25.85
CA ALA C 211 -16.70 -9.82 -26.35
C ALA C 211 -15.59 -10.15 -27.33
N PRO C 212 -15.25 -11.43 -27.47
CA PRO C 212 -14.17 -11.80 -28.40
C PRO C 212 -14.42 -11.39 -29.83
N ASP C 213 -15.65 -11.03 -30.18
CA ASP C 213 -15.99 -10.64 -31.55
C ASP C 213 -16.33 -9.16 -31.70
N THR C 214 -16.05 -8.35 -30.68
CA THR C 214 -16.16 -6.89 -30.69
C THR C 214 -17.59 -6.39 -30.81
N ARG C 215 -18.58 -7.27 -31.00
CA ARG C 215 -19.91 -6.82 -31.34
C ARG C 215 -20.68 -6.28 -30.14
N LEU C 216 -20.49 -6.86 -28.96
CA LEU C 216 -21.19 -6.44 -27.76
C LEU C 216 -20.17 -6.31 -26.64
N PHE C 217 -20.60 -5.71 -25.52
CA PHE C 217 -19.73 -5.67 -24.36
C PHE C 217 -20.58 -5.48 -23.10
N VAL C 218 -20.08 -5.98 -21.99
CA VAL C 218 -20.78 -5.89 -20.71
C VAL C 218 -20.03 -4.94 -19.79
N SER C 219 -20.72 -4.46 -18.76
CA SER C 219 -20.15 -3.52 -17.80
C SER C 219 -20.70 -3.81 -16.42
N GLY C 220 -19.84 -3.75 -15.41
CA GLY C 220 -20.21 -3.95 -14.02
C GLY C 220 -20.07 -2.66 -13.24
N ALA C 221 -21.13 -2.27 -12.53
CA ALA C 221 -21.09 -0.99 -11.85
C ALA C 221 -21.25 -1.17 -10.35
N CYS C 222 -21.10 -0.06 -9.63
CA CYS C 222 -21.18 -0.09 -8.17
C CYS C 222 -22.61 -0.15 -7.66
N ASP C 223 -23.59 -0.18 -8.56
CA ASP C 223 -24.98 -0.43 -8.21
C ASP C 223 -25.30 -1.92 -8.16
N ALA C 224 -24.26 -2.75 -8.00
CA ALA C 224 -24.40 -4.19 -7.90
C ALA C 224 -25.06 -4.81 -9.12
N SER C 225 -24.87 -4.20 -10.29
CA SER C 225 -25.51 -4.70 -11.49
C SER C 225 -24.53 -4.74 -12.65
N ALA C 226 -24.70 -5.72 -13.51
CA ALA C 226 -23.99 -5.80 -14.77
C ALA C 226 -24.95 -5.64 -15.93
N LYS C 227 -24.50 -5.00 -17.01
CA LYS C 227 -25.38 -4.80 -18.14
C LYS C 227 -24.65 -5.18 -19.42
N LEU C 228 -25.36 -5.91 -20.29
CA LEU C 228 -24.86 -6.23 -21.63
C LEU C 228 -25.42 -5.21 -22.61
N TRP C 229 -24.51 -4.58 -23.37
CA TRP C 229 -24.74 -3.50 -24.31
C TRP C 229 -24.35 -3.90 -25.73
N ASP C 230 -25.19 -3.52 -26.68
CA ASP C 230 -24.89 -3.63 -28.11
C ASP C 230 -24.09 -2.42 -28.57
N VAL C 231 -22.84 -2.65 -28.99
CA VAL C 231 -21.92 -1.54 -29.26
C VAL C 231 -22.48 -0.62 -30.35
N ARG C 232 -22.93 -1.21 -31.47
CA ARG C 232 -23.31 -0.42 -32.63
C ARG C 232 -24.67 0.26 -32.46
N GLU C 233 -25.52 -0.26 -31.57
CA GLU C 233 -26.85 0.34 -31.48
C GLU C 233 -27.02 1.16 -30.22
N GLY C 234 -26.19 0.95 -29.21
CA GLY C 234 -26.19 1.85 -28.07
C GLY C 234 -27.27 1.58 -27.06
N MET C 235 -27.87 0.41 -27.09
CA MET C 235 -28.97 0.04 -26.20
C MET C 235 -28.54 -1.04 -25.21
N CYS C 236 -29.14 -1.01 -24.04
CA CYS C 236 -28.86 -2.05 -23.05
C CYS C 236 -29.74 -3.24 -23.36
N ARG C 237 -29.08 -4.37 -23.65
CA ARG C 237 -29.79 -5.57 -24.04
C ARG C 237 -30.20 -6.38 -22.82
N GLN C 238 -29.28 -6.57 -21.87
CA GLN C 238 -29.61 -7.40 -20.71
C GLN C 238 -29.08 -6.77 -19.44
N THR C 239 -29.84 -6.88 -18.35
CA THR C 239 -29.36 -6.42 -17.05
C THR C 239 -29.38 -7.58 -16.06
N PHE C 240 -28.23 -7.87 -15.47
CA PHE C 240 -28.06 -8.94 -14.51
C PHE C 240 -27.82 -8.36 -13.13
N THR C 241 -28.39 -8.97 -12.11
CA THR C 241 -28.24 -8.52 -10.74
C THR C 241 -27.91 -9.73 -9.86
N GLY C 242 -27.74 -9.49 -8.55
CA GLY C 242 -27.43 -10.55 -7.62
C GLY C 242 -26.39 -10.24 -6.56
N HIS C 243 -25.39 -9.42 -6.88
CA HIS C 243 -24.43 -9.01 -5.88
C HIS C 243 -25.06 -8.05 -4.87
N GLU C 244 -24.58 -8.11 -3.64
CA GLU C 244 -25.10 -7.26 -2.56
C GLU C 244 -24.35 -5.94 -2.43
N SER C 245 -23.28 -5.70 -3.18
CA SER C 245 -22.49 -4.47 -3.06
CA SER C 245 -22.50 -4.48 -3.05
C SER C 245 -21.85 -4.15 -4.40
N ASP C 246 -20.85 -3.28 -4.36
CA ASP C 246 -20.19 -2.75 -5.55
C ASP C 246 -19.44 -3.82 -6.33
N ILE C 247 -19.67 -3.83 -7.64
CA ILE C 247 -18.95 -4.70 -8.58
C ILE C 247 -17.60 -4.09 -8.93
N ASN C 248 -16.52 -4.85 -8.73
CA ASN C 248 -15.20 -4.29 -8.99
C ASN C 248 -14.56 -4.79 -10.27
N ALA C 249 -14.97 -5.96 -10.76
CA ALA C 249 -14.35 -6.52 -11.94
C ALA C 249 -15.35 -7.31 -12.76
N ILE C 250 -15.05 -7.49 -14.04
CA ILE C 250 -15.94 -8.21 -14.95
C ILE C 250 -15.12 -8.68 -16.15
N CYS C 251 -15.51 -9.81 -16.73
CA CYS C 251 -14.81 -10.34 -17.90
C CYS C 251 -15.68 -11.37 -18.60
N PHE C 252 -15.56 -11.43 -19.93
CA PHE C 252 -16.27 -12.44 -20.73
C PHE C 252 -15.65 -13.83 -20.63
N PHE C 253 -16.54 -14.82 -20.65
CA PHE C 253 -16.17 -16.20 -20.85
C PHE C 253 -15.59 -16.34 -22.26
N PRO C 254 -14.57 -17.17 -22.45
CA PRO C 254 -13.94 -17.27 -23.78
C PRO C 254 -14.91 -17.57 -24.90
N ASN C 255 -16.07 -18.15 -24.61
CA ASN C 255 -17.04 -18.45 -25.65
C ASN C 255 -17.68 -17.18 -26.18
N GLY C 256 -17.93 -16.21 -25.31
CA GLY C 256 -18.54 -14.95 -25.68
C GLY C 256 -19.97 -14.79 -25.23
N ASN C 257 -20.60 -15.86 -24.76
CA ASN C 257 -21.97 -15.80 -24.28
C ASN C 257 -22.08 -15.92 -22.77
N ALA C 258 -21.06 -15.56 -22.02
CA ALA C 258 -21.12 -15.62 -20.56
C ALA C 258 -20.06 -14.72 -19.96
N PHE C 259 -20.23 -14.39 -18.70
CA PHE C 259 -19.25 -13.54 -18.04
C PHE C 259 -19.31 -13.73 -16.53
N ALA C 260 -18.21 -13.41 -15.87
CA ALA C 260 -18.09 -13.57 -14.43
C ALA C 260 -17.83 -12.21 -13.79
N THR C 261 -18.33 -12.03 -12.57
CA THR C 261 -18.16 -10.77 -11.85
C THR C 261 -17.66 -11.04 -10.45
N GLY C 262 -16.87 -10.11 -9.94
CA GLY C 262 -16.40 -10.12 -8.56
C GLY C 262 -16.73 -8.82 -7.85
N SER C 263 -17.07 -8.88 -6.57
CA SER C 263 -17.54 -7.69 -5.90
C SER C 263 -16.88 -7.58 -4.53
N ASP C 264 -17.19 -6.50 -3.84
CA ASP C 264 -16.59 -6.24 -2.53
C ASP C 264 -17.13 -7.18 -1.48
N ASP C 265 -18.24 -7.86 -1.75
CA ASP C 265 -18.85 -8.78 -0.81
C ASP C 265 -18.15 -10.14 -0.79
N ALA C 266 -16.93 -10.21 -1.33
CA ALA C 266 -16.10 -11.41 -1.30
C ALA C 266 -16.74 -12.59 -2.02
N THR C 267 -17.32 -12.34 -3.20
CA THR C 267 -17.98 -13.40 -3.95
C THR C 267 -17.80 -13.18 -5.44
N CYS C 268 -17.70 -14.30 -6.16
CA CYS C 268 -17.71 -14.29 -7.61
C CYS C 268 -18.98 -14.94 -8.11
N ARG C 269 -19.54 -14.42 -9.19
CA ARG C 269 -20.78 -14.93 -9.74
C ARG C 269 -20.63 -15.08 -11.24
N LEU C 270 -21.17 -16.17 -11.77
CA LEU C 270 -21.12 -16.47 -13.20
C LEU C 270 -22.50 -16.28 -13.79
N PHE C 271 -22.60 -15.38 -14.77
CA PHE C 271 -23.84 -15.13 -15.50
C PHE C 271 -23.70 -15.66 -16.91
N ASP C 272 -24.81 -16.11 -17.49
CA ASP C 272 -24.87 -16.50 -18.89
C ASP C 272 -25.67 -15.47 -19.69
N LEU C 273 -25.25 -15.25 -20.92
CA LEU C 273 -25.95 -14.26 -21.74
C LEU C 273 -27.24 -14.82 -22.30
N ARG C 274 -27.19 -16.04 -22.84
CA ARG C 274 -28.35 -16.64 -23.50
C ARG C 274 -29.38 -17.16 -22.50
N ALA C 275 -28.94 -17.58 -21.32
CA ALA C 275 -29.88 -18.02 -20.29
C ALA C 275 -30.38 -16.89 -19.42
N ASP C 276 -29.65 -15.77 -19.36
CA ASP C 276 -30.10 -14.54 -18.71
C ASP C 276 -30.32 -14.74 -17.22
N GLN C 277 -29.35 -15.31 -16.51
CA GLN C 277 -29.39 -15.42 -15.07
C GLN C 277 -28.05 -15.95 -14.57
N GLU C 278 -27.87 -15.89 -13.25
CA GLU C 278 -26.65 -16.38 -12.64
C GLU C 278 -26.60 -17.89 -12.69
N LEU C 279 -25.41 -18.43 -12.93
CA LEU C 279 -25.23 -19.87 -12.98
C LEU C 279 -24.50 -20.45 -11.77
N MET C 280 -23.53 -19.74 -11.21
CA MET C 280 -22.75 -20.35 -10.14
C MET C 280 -22.08 -19.28 -9.31
N THR C 281 -21.86 -19.57 -8.03
CA THR C 281 -21.26 -18.63 -7.10
C THR C 281 -20.04 -19.22 -6.42
N TYR C 282 -18.95 -18.45 -6.41
CA TYR C 282 -17.63 -18.86 -5.96
C TYR C 282 -17.31 -18.06 -4.71
N SER C 283 -17.25 -18.71 -3.56
CA SER C 283 -17.05 -17.99 -2.31
C SER C 283 -16.52 -18.96 -1.26
N HIS C 284 -15.92 -18.40 -0.22
CA HIS C 284 -15.56 -19.22 0.93
C HIS C 284 -15.79 -18.40 2.20
N ASP C 285 -16.22 -19.09 3.26
CA ASP C 285 -16.54 -18.38 4.48
C ASP C 285 -15.31 -17.96 5.26
N ASN C 286 -14.12 -18.33 4.80
CA ASN C 286 -12.87 -17.81 5.34
C ASN C 286 -12.34 -16.65 4.50
N ILE C 287 -13.06 -16.29 3.44
CA ILE C 287 -12.72 -15.16 2.59
C ILE C 287 -13.70 -14.04 2.85
N ILE C 288 -13.22 -12.94 3.40
CA ILE C 288 -14.07 -11.83 3.80
C ILE C 288 -13.69 -10.54 3.09
N CYS C 289 -12.49 -10.44 2.53
CA CYS C 289 -12.04 -9.22 1.88
C CYS C 289 -12.72 -9.07 0.52
N GLY C 290 -12.63 -7.85 -0.03
CA GLY C 290 -13.17 -7.60 -1.35
C GLY C 290 -12.41 -8.33 -2.44
N ILE C 291 -12.76 -8.01 -3.68
CA ILE C 291 -12.17 -8.63 -4.85
C ILE C 291 -11.87 -7.53 -5.86
N THR C 292 -10.68 -7.57 -6.46
CA THR C 292 -10.25 -6.48 -7.33
C THR C 292 -10.21 -6.81 -8.81
N SER C 293 -9.94 -8.06 -9.19
CA SER C 293 -9.86 -8.37 -10.60
C SER C 293 -10.19 -9.82 -10.85
N VAL C 294 -10.76 -10.11 -12.01
CA VAL C 294 -11.12 -11.46 -12.42
C VAL C 294 -10.79 -11.65 -13.89
N SER C 295 -10.47 -12.89 -14.25
CA SER C 295 -10.19 -13.22 -15.64
C SER C 295 -10.20 -14.73 -15.85
N PHE C 296 -10.72 -15.15 -17.00
CA PHE C 296 -10.79 -16.55 -17.35
C PHE C 296 -9.54 -16.98 -18.09
N SER C 297 -9.31 -18.29 -18.09
CA SER C 297 -8.28 -18.87 -18.94
C SER C 297 -8.75 -18.95 -20.40
N LYS C 298 -7.89 -19.53 -21.24
CA LYS C 298 -8.22 -19.61 -22.67
C LYS C 298 -9.42 -20.51 -22.89
N SER C 299 -9.52 -21.60 -22.12
CA SER C 299 -10.61 -22.54 -22.23
C SER C 299 -11.75 -22.23 -21.28
N GLY C 300 -11.56 -21.23 -20.42
CA GLY C 300 -12.58 -20.91 -19.46
C GLY C 300 -12.67 -21.86 -18.30
N ARG C 301 -11.78 -22.85 -18.22
CA ARG C 301 -11.84 -23.76 -17.09
C ARG C 301 -11.32 -23.13 -15.81
N LEU C 302 -10.37 -22.21 -15.89
CA LEU C 302 -9.82 -21.57 -14.70
C LEU C 302 -10.26 -20.12 -14.63
N LEU C 303 -10.69 -19.68 -13.44
CA LEU C 303 -11.10 -18.31 -13.16
C LEU C 303 -10.18 -17.76 -12.10
N LEU C 304 -9.41 -16.74 -12.44
CA LEU C 304 -8.51 -16.16 -11.45
C LEU C 304 -9.11 -14.89 -10.90
N ALA C 305 -9.06 -14.75 -9.58
CA ALA C 305 -9.64 -13.58 -8.92
C ALA C 305 -8.66 -13.03 -7.89
N GLY C 306 -8.51 -11.71 -7.90
CA GLY C 306 -7.65 -11.03 -6.95
C GLY C 306 -8.40 -10.44 -5.78
N TYR C 307 -7.97 -10.81 -4.57
CA TYR C 307 -8.68 -10.42 -3.36
C TYR C 307 -7.84 -9.39 -2.64
N ASP C 308 -8.43 -8.72 -1.68
CA ASP C 308 -7.67 -7.75 -0.91
C ASP C 308 -6.71 -8.39 0.07
N ASP C 309 -6.86 -9.68 0.36
CA ASP C 309 -6.02 -10.31 1.36
C ASP C 309 -4.65 -10.69 0.83
N PHE C 310 -4.22 -10.06 -0.26
CA PHE C 310 -2.90 -10.16 -0.87
C PHE C 310 -2.77 -11.41 -1.72
N ASN C 311 -3.82 -12.22 -1.82
CA ASN C 311 -3.77 -13.50 -2.50
C ASN C 311 -4.56 -13.46 -3.80
N CYS C 312 -4.36 -14.50 -4.63
CA CYS C 312 -5.18 -14.71 -5.81
C CYS C 312 -5.77 -16.12 -5.82
N ASN C 313 -7.10 -16.24 -5.90
CA ASN C 313 -7.74 -17.55 -5.88
C ASN C 313 -8.09 -18.00 -7.29
N VAL C 314 -7.76 -19.25 -7.61
CA VAL C 314 -8.09 -19.87 -8.89
C VAL C 314 -9.25 -20.82 -8.70
N TRP C 315 -10.40 -20.50 -9.30
CA TRP C 315 -11.60 -21.29 -9.17
C TRP C 315 -11.81 -22.15 -10.42
N ASP C 316 -12.44 -23.29 -10.25
CA ASP C 316 -12.88 -24.15 -11.36
C ASP C 316 -14.25 -23.67 -11.80
N ALA C 317 -14.30 -23.06 -12.98
CA ALA C 317 -15.51 -22.39 -13.44
C ALA C 317 -16.68 -23.34 -13.62
N LEU C 318 -16.46 -24.66 -13.54
CA LEU C 318 -17.56 -25.60 -13.70
C LEU C 318 -18.05 -26.21 -12.40
N LYS C 319 -17.22 -26.33 -11.36
CA LYS C 319 -17.64 -27.02 -10.15
C LYS C 319 -17.82 -26.10 -8.94
N ALA C 320 -17.52 -24.81 -9.06
CA ALA C 320 -17.60 -23.85 -7.96
C ALA C 320 -16.64 -24.18 -6.83
N ASP C 321 -15.81 -25.19 -7.03
CA ASP C 321 -14.78 -25.58 -6.09
C ASP C 321 -13.57 -24.67 -6.25
N ARG C 322 -12.93 -24.36 -5.12
CA ARG C 322 -11.68 -23.62 -5.20
C ARG C 322 -10.57 -24.62 -5.51
N ALA C 323 -9.72 -24.26 -6.46
CA ALA C 323 -8.74 -25.19 -6.99
C ALA C 323 -7.31 -24.81 -6.66
N GLY C 324 -6.88 -23.59 -6.94
CA GLY C 324 -5.50 -23.28 -6.63
C GLY C 324 -5.36 -21.90 -6.03
N VAL C 325 -4.22 -21.65 -5.42
CA VAL C 325 -3.97 -20.34 -4.85
C VAL C 325 -2.65 -19.80 -5.37
N LEU C 326 -2.54 -18.48 -5.46
CA LEU C 326 -1.32 -17.79 -5.83
C LEU C 326 -1.01 -16.79 -4.73
N ALA C 327 -0.32 -17.22 -3.69
CA ALA C 327 0.06 -16.25 -2.68
C ALA C 327 1.46 -15.73 -2.95
N GLY C 328 1.67 -14.49 -2.53
CA GLY C 328 2.93 -13.82 -2.66
C GLY C 328 2.64 -12.38 -3.05
N HIS C 329 2.53 -11.47 -2.09
CA HIS C 329 2.33 -10.07 -2.39
C HIS C 329 2.25 -9.34 -1.06
N ASP C 330 2.73 -8.10 -1.04
CA ASP C 330 2.73 -7.36 0.21
C ASP C 330 1.56 -6.39 0.30
N ASN C 331 0.67 -6.38 -0.68
CA ASN C 331 -0.52 -5.55 -0.65
C ASN C 331 -1.58 -6.18 -1.53
N ARG C 332 -2.71 -5.49 -1.62
CA ARG C 332 -3.86 -6.01 -2.34
C ARG C 332 -3.51 -6.22 -3.79
N VAL C 333 -3.79 -7.41 -4.31
CA VAL C 333 -3.60 -7.62 -5.74
C VAL C 333 -4.69 -6.85 -6.48
N SER C 334 -4.26 -5.84 -7.23
CA SER C 334 -5.15 -4.89 -7.87
C SER C 334 -5.58 -5.31 -9.26
N CYS C 335 -4.84 -6.20 -9.91
CA CYS C 335 -5.18 -6.51 -11.28
C CYS C 335 -4.53 -7.83 -11.67
N LEU C 336 -5.05 -8.42 -12.73
CA LEU C 336 -4.46 -9.63 -13.28
C LEU C 336 -4.91 -9.76 -14.72
N GLY C 337 -4.30 -10.70 -15.42
CA GLY C 337 -4.64 -10.90 -16.81
C GLY C 337 -3.97 -12.10 -17.44
N VAL C 338 -4.71 -12.86 -18.22
CA VAL C 338 -4.19 -14.05 -18.89
C VAL C 338 -3.79 -13.68 -20.30
N THR C 339 -2.72 -14.30 -20.77
CA THR C 339 -2.22 -14.09 -22.11
C THR C 339 -3.22 -14.59 -23.15
N ASP C 340 -3.05 -14.10 -24.37
CA ASP C 340 -3.97 -14.50 -25.43
C ASP C 340 -3.71 -15.92 -25.91
N ASP C 341 -2.49 -16.43 -25.70
CA ASP C 341 -2.18 -17.84 -25.96
C ASP C 341 -2.41 -18.71 -24.74
N GLY C 342 -2.80 -18.13 -23.61
CA GLY C 342 -3.04 -18.91 -22.41
C GLY C 342 -1.80 -19.43 -21.73
N MET C 343 -0.61 -18.95 -22.12
CA MET C 343 0.61 -19.53 -21.60
C MET C 343 0.91 -19.08 -20.17
N ALA C 344 0.41 -17.93 -19.74
CA ALA C 344 0.76 -17.44 -18.41
C ALA C 344 -0.25 -16.39 -17.99
N VAL C 345 -0.27 -16.11 -16.68
CA VAL C 345 -1.11 -15.06 -16.12
C VAL C 345 -0.23 -14.06 -15.36
N ALA C 346 -0.56 -12.79 -15.45
CA ALA C 346 0.18 -11.78 -14.72
C ALA C 346 -0.68 -11.18 -13.63
N THR C 347 -0.03 -10.75 -12.56
CA THR C 347 -0.72 -10.16 -11.42
C THR C 347 0.00 -8.91 -10.99
N GLY C 348 -0.73 -7.81 -10.93
CA GLY C 348 -0.22 -6.57 -10.39
C GLY C 348 -0.88 -6.29 -9.05
N SER C 349 -0.08 -5.80 -8.11
CA SER C 349 -0.54 -5.58 -6.76
C SER C 349 -0.05 -4.22 -6.31
N TRP C 350 -0.48 -3.79 -5.14
CA TRP C 350 -0.04 -2.51 -4.61
C TRP C 350 1.32 -2.55 -3.93
N ASP C 351 2.07 -3.65 -4.09
CA ASP C 351 3.44 -3.68 -3.60
C ASP C 351 4.44 -3.23 -4.64
N SER C 352 3.96 -2.75 -5.79
CA SER C 352 4.80 -2.29 -6.88
C SER C 352 5.61 -3.36 -7.60
N PHE C 353 5.01 -4.53 -7.83
CA PHE C 353 5.65 -5.63 -8.54
C PHE C 353 4.58 -6.30 -9.39
N LEU C 354 4.97 -6.75 -10.57
CA LEU C 354 4.13 -7.60 -11.38
C LEU C 354 4.75 -8.97 -11.42
N LYS C 355 3.93 -10.01 -11.38
CA LYS C 355 4.48 -11.34 -11.35
C LYS C 355 3.80 -12.18 -12.41
N ILE C 356 4.58 -12.92 -13.17
CA ILE C 356 4.05 -13.83 -14.17
C ILE C 356 4.01 -15.23 -13.55
N TRP C 357 2.93 -15.94 -13.78
CA TRP C 357 2.68 -17.25 -13.21
C TRP C 357 2.32 -18.25 -14.30
N ASN C 358 2.84 -19.46 -14.16
CA ASN C 358 2.37 -20.62 -14.91
C ASN C 358 2.94 -21.88 -14.29
N SER D 8 -38.10 12.20 -13.10
CA SER D 8 -39.11 11.41 -12.42
C SER D 8 -40.03 10.72 -13.43
N ILE D 9 -40.80 11.51 -14.17
CA ILE D 9 -41.77 10.94 -15.11
C ILE D 9 -41.10 10.47 -16.40
N ALA D 10 -40.04 11.15 -16.84
CA ALA D 10 -39.32 10.73 -18.05
C ALA D 10 -38.46 9.51 -17.78
N GLN D 11 -37.80 9.47 -16.62
CA GLN D 11 -37.01 8.30 -16.27
C GLN D 11 -37.89 7.10 -15.98
N ALA D 12 -39.16 7.32 -15.67
CA ALA D 12 -40.04 6.18 -15.43
C ALA D 12 -40.55 5.61 -16.74
N ARG D 13 -40.83 6.49 -17.72
CA ARG D 13 -41.21 5.99 -19.04
C ARG D 13 -40.03 5.26 -19.67
N LYS D 14 -38.83 5.77 -19.45
CA LYS D 14 -37.67 5.08 -20.00
C LYS D 14 -37.40 3.77 -19.27
N LEU D 15 -37.65 3.72 -17.96
CA LEU D 15 -37.44 2.47 -17.23
C LEU D 15 -38.47 1.42 -17.63
N VAL D 16 -39.70 1.83 -17.91
CA VAL D 16 -40.71 0.84 -18.29
C VAL D 16 -40.44 0.32 -19.68
N GLU D 17 -40.14 1.21 -20.64
CA GLU D 17 -39.82 0.72 -21.98
C GLU D 17 -38.55 -0.11 -21.99
N GLN D 18 -37.56 0.24 -21.16
CA GLN D 18 -36.36 -0.58 -21.05
C GLN D 18 -36.66 -1.96 -20.46
N LEU D 19 -37.51 -2.03 -19.44
CA LEU D 19 -37.86 -3.33 -18.88
C LEU D 19 -38.69 -4.16 -19.85
N LYS D 20 -39.52 -3.52 -20.66
CA LYS D 20 -40.27 -4.26 -21.66
C LYS D 20 -39.34 -4.78 -22.75
N MET D 21 -38.31 -4.00 -23.08
CA MET D 21 -37.31 -4.45 -24.04
C MET D 21 -36.51 -5.62 -23.48
N GLU D 22 -36.15 -5.57 -22.19
CA GLU D 22 -35.37 -6.63 -21.57
C GLU D 22 -36.22 -7.88 -21.37
N ALA D 23 -37.54 -7.72 -21.35
CA ALA D 23 -38.44 -8.84 -21.10
C ALA D 23 -38.61 -9.72 -22.34
N ASN D 24 -38.60 -9.14 -23.53
CA ASN D 24 -38.86 -9.88 -24.77
C ASN D 24 -37.62 -10.53 -25.37
N ILE D 25 -36.57 -10.78 -24.58
CA ILE D 25 -35.45 -11.56 -25.08
C ILE D 25 -35.81 -13.03 -24.95
N ASP D 26 -35.21 -13.88 -25.80
CA ASP D 26 -35.47 -15.30 -25.76
C ASP D 26 -34.32 -16.02 -25.09
N ARG D 27 -34.65 -16.76 -24.03
CA ARG D 27 -33.69 -17.46 -23.21
C ARG D 27 -33.77 -18.96 -23.45
N ILE D 28 -32.64 -19.63 -23.27
CA ILE D 28 -32.56 -21.07 -23.40
C ILE D 28 -32.56 -21.67 -22.01
N LYS D 29 -32.77 -22.99 -21.95
CA LYS D 29 -32.78 -23.68 -20.67
C LYS D 29 -31.39 -23.67 -20.06
N VAL D 30 -31.32 -23.58 -18.74
CA VAL D 30 -30.02 -23.57 -18.06
C VAL D 30 -29.27 -24.88 -18.28
N SER D 31 -29.99 -26.00 -18.37
CA SER D 31 -29.34 -27.27 -18.64
C SER D 31 -28.54 -27.23 -19.94
N LYS D 32 -29.11 -26.62 -20.97
CA LYS D 32 -28.41 -26.53 -22.25
C LYS D 32 -27.28 -25.51 -22.19
N ALA D 33 -27.50 -24.39 -21.52
CA ALA D 33 -26.44 -23.39 -21.41
C ALA D 33 -25.23 -23.96 -20.67
N ALA D 34 -25.47 -24.76 -19.63
CA ALA D 34 -24.36 -25.39 -18.95
C ALA D 34 -23.75 -26.48 -19.80
N ALA D 35 -24.56 -27.17 -20.61
CA ALA D 35 -23.99 -28.21 -21.47
C ALA D 35 -23.11 -27.60 -22.54
N ASP D 36 -23.45 -26.39 -22.97
CA ASP D 36 -22.62 -25.70 -23.96
C ASP D 36 -21.34 -25.20 -23.31
N LEU D 37 -21.42 -24.71 -22.08
CA LEU D 37 -20.19 -24.31 -21.41
C LEU D 37 -19.25 -25.50 -21.17
N MET D 38 -19.78 -26.63 -20.71
CA MET D 38 -18.93 -27.81 -20.52
C MET D 38 -18.37 -28.31 -21.84
N ALA D 39 -19.15 -28.21 -22.92
CA ALA D 39 -18.64 -28.69 -24.19
C ALA D 39 -17.55 -27.79 -24.73
N TYR D 40 -17.71 -26.47 -24.63
CA TYR D 40 -16.63 -25.62 -25.13
C TYR D 40 -15.40 -25.73 -24.24
N CYS D 41 -15.60 -26.02 -22.96
CA CYS D 41 -14.47 -26.16 -22.05
C CYS D 41 -13.67 -27.41 -22.36
N GLU D 42 -14.32 -28.57 -22.31
CA GLU D 42 -13.60 -29.82 -22.54
C GLU D 42 -13.22 -29.99 -24.01
N ALA D 43 -13.88 -29.27 -24.91
CA ALA D 43 -13.43 -29.33 -26.29
C ALA D 43 -12.10 -28.63 -26.50
N HIS D 44 -11.73 -27.73 -25.58
CA HIS D 44 -10.45 -27.03 -25.67
C HIS D 44 -9.61 -27.27 -24.42
N ALA D 45 -9.99 -28.25 -23.60
CA ALA D 45 -9.31 -28.44 -22.32
C ALA D 45 -7.87 -28.85 -22.55
N LYS D 46 -7.62 -29.66 -23.58
CA LYS D 46 -6.29 -30.18 -23.87
C LYS D 46 -5.37 -29.13 -24.49
N GLU D 47 -5.89 -27.95 -24.82
CA GLU D 47 -5.08 -26.89 -25.41
C GLU D 47 -4.90 -25.70 -24.49
N ASP D 48 -5.21 -25.86 -23.21
CA ASP D 48 -5.06 -24.78 -22.24
C ASP D 48 -3.82 -25.06 -21.42
N PRO D 49 -2.72 -24.38 -21.69
CA PRO D 49 -1.47 -24.68 -20.97
C PRO D 49 -1.56 -24.46 -19.47
N LEU D 50 -2.39 -23.54 -19.02
CA LEU D 50 -2.51 -23.34 -17.57
C LEU D 50 -3.26 -24.47 -16.91
N LEU D 51 -4.11 -25.19 -17.65
CA LEU D 51 -4.81 -26.35 -17.10
C LEU D 51 -3.99 -27.61 -17.25
N THR D 52 -3.62 -27.95 -18.49
CA THR D 52 -2.72 -29.06 -18.74
C THR D 52 -1.33 -28.46 -18.92
N PRO D 53 -0.41 -28.66 -17.97
CA PRO D 53 0.88 -27.99 -18.08
C PRO D 53 1.65 -28.45 -19.32
N VAL D 54 2.19 -27.47 -20.02
CA VAL D 54 2.99 -27.67 -21.24
C VAL D 54 4.40 -28.03 -20.81
N PRO D 55 5.07 -28.94 -21.51
CA PRO D 55 6.46 -29.24 -21.17
C PRO D 55 7.32 -27.99 -21.19
N ALA D 56 8.30 -27.97 -20.30
CA ALA D 56 9.17 -26.82 -20.10
C ALA D 56 9.96 -26.46 -21.35
N SER D 57 10.02 -27.35 -22.35
CA SER D 57 10.74 -27.01 -23.56
C SER D 57 10.03 -25.94 -24.37
N GLU D 58 8.70 -25.94 -24.39
CA GLU D 58 7.97 -24.96 -25.17
C GLU D 58 7.38 -23.84 -24.31
N ASN D 59 7.85 -23.72 -23.07
CA ASN D 59 7.40 -22.67 -22.17
C ASN D 59 8.37 -21.50 -22.19
N PRO D 60 7.99 -20.34 -22.72
CA PRO D 60 8.94 -19.22 -22.77
C PRO D 60 9.30 -18.68 -21.41
N PHE D 61 8.56 -19.03 -20.36
CA PHE D 61 8.84 -18.55 -19.02
C PHE D 61 9.56 -19.57 -18.15
N ARG D 62 9.84 -20.76 -18.68
CA ARG D 62 10.64 -21.73 -17.93
C ARG D 62 11.98 -21.94 -18.61
N GLU D 63 12.05 -21.65 -19.90
CA GLU D 63 13.31 -21.79 -20.63
C GLU D 63 14.22 -20.59 -20.37
N LYS D 64 15.39 -20.64 -20.98
CA LYS D 64 16.38 -19.57 -20.94
C LYS D 64 15.81 -18.27 -21.49
#